data_4BFZ
#
_entry.id   4BFZ
#
_cell.length_a   88.460
_cell.length_b   148.280
_cell.length_c   63.260
_cell.angle_alpha   90.00
_cell.angle_beta   90.00
_cell.angle_gamma   90.00
#
_symmetry.space_group_name_H-M   'P 21 21 2'
#
loop_
_entity.id
_entity.type
_entity.pdbx_description
1 polymer 'PANTOTHENATE KINASE'
2 non-polymer 'PHOSPHATE ION'
3 non-polymer 2-[4-(4-CYANOPHENYL)-3-{[4-(PYRIDIN-2-YL)PIPERAZIN-1-YL]METHYL}PHENOXY]-N-METHYLACETAMIDE
4 water water
#
_entity_poly.entity_id   1
_entity_poly.type   'polypeptide(L)'
_entity_poly.pdbx_seq_one_letter_code
;HHHHHHMSRLSEPSPYVEFDRRQWRALRMSTPLALTEEELVGLRGLGEQIDLLEVEEVYLPLARLIHLQVAARQRLFAAT
AEFLGEPQQNPDRPVPFIIGVAGSVAVGKSTTARVLQALLARWDHHPRVDLVTTDGFLYPNAELQRRNLMHRKGFPESYN
RRALMRFVTSVKSGSDYACAPVYSHLHYDIIPGAEQVVRHPDILILEGLNVLQTGPTLMVSDLFDFSLYVDARIEDIEQW
YVSRFLAMRTTAFADPESHFHHYAAFSDSQAVVAAREIWRTINRPNLVENILPTRPRATLVLRKDADHSINRLRLRKL
;
_entity_poly.pdbx_strand_id   A,B
#
loop_
_chem_comp.id
_chem_comp.type
_chem_comp.name
_chem_comp.formula
PO4 non-polymer 'PHOSPHATE ION' 'O4 P -3'
ZVZ non-polymer 2-[4-(4-CYANOPHENYL)-3-{[4-(PYRIDIN-2-YL)PIPERAZIN-1-YL]METHYL}PHENOXY]-N-METHYLACETAMIDE 'C26 H27 N5 O2'
#
# COMPACT_ATOMS: atom_id res chain seq x y z
N PRO A 13 -11.77 6.56 18.13
CA PRO A 13 -11.84 5.79 16.88
C PRO A 13 -10.46 5.60 16.24
N SER A 14 -10.00 4.35 16.21
CA SER A 14 -8.64 4.01 15.76
C SER A 14 -8.72 3.11 14.52
N PRO A 15 -7.68 3.11 13.67
CA PRO A 15 -7.73 2.18 12.52
C PRO A 15 -7.44 0.71 12.88
N TYR A 16 -7.18 0.47 14.17
CA TYR A 16 -6.76 -0.82 14.66
C TYR A 16 -7.74 -1.45 15.62
N VAL A 17 -7.86 -2.76 15.51
CA VAL A 17 -8.38 -3.57 16.59
C VAL A 17 -7.17 -3.85 17.49
N GLU A 18 -7.29 -3.47 18.76
CA GLU A 18 -6.20 -3.65 19.70
C GLU A 18 -6.50 -4.74 20.75
N PHE A 19 -5.51 -5.59 21.04
CA PHE A 19 -5.56 -6.51 22.19
C PHE A 19 -4.28 -6.41 23.01
N ASP A 20 -4.41 -6.40 24.34
CA ASP A 20 -3.21 -6.68 25.13
C ASP A 20 -3.06 -8.20 25.26
N ARG A 21 -1.93 -8.67 25.78
CA ARG A 21 -1.63 -10.11 25.88
C ARG A 21 -2.69 -10.91 26.65
N ARG A 22 -3.19 -10.35 27.75
CA ARG A 22 -4.24 -10.97 28.58
C ARG A 22 -5.52 -11.19 27.79
N GLN A 23 -5.97 -10.13 27.12
CA GLN A 23 -7.16 -10.21 26.27
C GLN A 23 -6.97 -11.25 25.18
N TRP A 24 -5.80 -11.22 24.54
CA TRP A 24 -5.48 -12.18 23.49
C TRP A 24 -5.58 -13.61 24.01
N ARG A 25 -4.94 -13.91 25.13
CA ARG A 25 -4.97 -15.26 25.74
C ARG A 25 -6.38 -15.74 26.06
N ALA A 26 -7.22 -14.81 26.50
CA ALA A 26 -8.57 -15.10 26.99
C ALA A 26 -9.58 -15.30 25.86
N LEU A 27 -9.20 -14.95 24.63
CA LEU A 27 -10.13 -15.04 23.51
C LEU A 27 -10.62 -16.47 23.36
N ARG A 28 -11.90 -16.60 23.05
CA ARG A 28 -12.48 -17.90 22.77
C ARG A 28 -12.47 -18.06 21.26
N MET A 29 -11.41 -18.66 20.76
CA MET A 29 -11.22 -18.80 19.32
C MET A 29 -11.89 -20.05 18.74
N SER A 30 -12.26 -19.96 17.47
CA SER A 30 -13.11 -20.98 16.81
C SER A 30 -12.41 -22.31 16.49
N THR A 31 -11.07 -22.31 16.56
CA THR A 31 -10.24 -23.51 16.40
C THR A 31 -10.30 -24.37 17.69
N PRO A 32 -9.71 -25.60 17.71
CA PRO A 32 -8.67 -26.45 17.12
C PRO A 32 -7.38 -25.84 16.55
N LEU A 33 -6.50 -25.39 17.45
CA LEU A 33 -5.10 -25.03 17.12
C LEU A 33 -4.11 -25.54 18.16
N ALA A 34 -3.38 -26.61 17.81
CA ALA A 34 -2.32 -27.14 18.66
C ALA A 34 -1.12 -27.61 17.81
N LEU A 35 0.07 -27.40 18.35
CA LEU A 35 1.29 -27.81 17.68
C LEU A 35 1.50 -29.31 17.75
N THR A 36 2.03 -29.88 16.67
CA THR A 36 2.46 -31.28 16.64
C THR A 36 3.84 -31.42 17.28
N GLU A 37 4.12 -32.61 17.81
CA GLU A 37 5.43 -32.96 18.40
C GLU A 37 6.55 -32.76 17.38
N GLU A 38 6.29 -33.21 16.15
CA GLU A 38 7.14 -32.95 14.99
C GLU A 38 7.48 -31.45 14.85
N GLU A 39 6.48 -30.60 15.06
CA GLU A 39 6.64 -29.14 15.01
C GLU A 39 7.39 -28.55 16.20
N LEU A 40 7.20 -29.12 17.40
CA LEU A 40 7.93 -28.68 18.59
C LEU A 40 9.44 -28.97 18.47
N VAL A 41 9.76 -30.07 17.79
CA VAL A 41 11.15 -30.43 17.48
C VAL A 41 11.71 -29.45 16.44
N GLY A 42 10.95 -29.21 15.37
CA GLY A 42 11.33 -28.24 14.35
C GLY A 42 11.56 -26.84 14.91
N LEU A 43 10.66 -26.40 15.79
CA LEU A 43 10.67 -25.04 16.34
C LEU A 43 11.75 -24.82 17.39
N ARG A 44 12.20 -25.89 18.03
CA ARG A 44 13.40 -25.82 18.85
C ARG A 44 14.59 -25.66 17.91
N GLY A 45 14.52 -26.35 16.78
CA GLY A 45 15.60 -26.37 15.78
C GLY A 45 15.98 -25.03 15.17
N LEU A 46 15.09 -24.04 15.31
CA LEU A 46 15.37 -22.70 14.78
C LEU A 46 15.64 -21.66 15.89
N GLY A 47 16.43 -22.08 16.88
CA GLY A 47 16.82 -21.21 18.00
C GLY A 47 16.82 -21.98 19.31
N GLU A 48 16.18 -21.37 20.32
CA GLU A 48 15.90 -21.99 21.63
C GLU A 48 15.41 -20.90 22.59
N GLN A 49 15.99 -19.70 22.44
CA GLN A 49 15.54 -18.51 23.17
C GLN A 49 14.05 -18.27 23.01
N ILE A 50 13.50 -18.71 21.86
CA ILE A 50 12.09 -18.56 21.53
C ILE A 50 11.26 -19.38 22.50
N ASP A 51 10.45 -18.68 23.28
CA ASP A 51 9.52 -19.27 24.22
C ASP A 51 8.44 -20.06 23.47
N LEU A 52 8.30 -21.34 23.76
CA LEU A 52 7.28 -22.17 23.10
C LEU A 52 5.86 -21.74 23.49
N LEU A 53 5.71 -21.18 24.69
CA LEU A 53 4.42 -20.61 25.07
C LEU A 53 4.04 -19.46 24.16
N GLU A 54 5.00 -18.58 23.85
CA GLU A 54 4.80 -17.52 22.84
C GLU A 54 4.29 -18.10 21.53
N VAL A 55 4.92 -19.17 21.05
CA VAL A 55 4.59 -19.75 19.77
C VAL A 55 3.16 -20.29 19.82
N GLU A 56 2.82 -21.02 20.90
CA GLU A 56 1.49 -21.61 20.94
C GLU A 56 0.35 -20.61 21.21
N GLU A 57 0.58 -19.65 22.11
CA GLU A 57 -0.46 -18.70 22.48
C GLU A 57 -0.61 -17.52 21.53
N VAL A 58 0.51 -17.08 20.94
CA VAL A 58 0.47 -15.87 20.10
C VAL A 58 0.70 -16.15 18.61
N TYR A 59 1.86 -16.74 18.28
CA TYR A 59 2.19 -16.92 16.86
C TYR A 59 1.32 -17.93 16.11
N LEU A 60 0.94 -19.03 16.75
CA LEU A 60 0.00 -19.96 16.11
C LEU A 60 -1.33 -19.30 15.69
N PRO A 61 -2.04 -18.62 16.61
CA PRO A 61 -3.27 -17.91 16.20
C PRO A 61 -3.01 -16.82 15.16
N LEU A 62 -1.88 -16.14 15.29
CA LEU A 62 -1.50 -15.11 14.35
C LEU A 62 -1.35 -15.71 12.96
N ALA A 63 -0.69 -16.85 12.90
CA ALA A 63 -0.60 -17.61 11.67
C ALA A 63 -1.96 -17.98 11.07
N ARG A 64 -2.92 -18.35 11.93
CA ARG A 64 -4.23 -18.72 11.39
C ARG A 64 -4.92 -17.51 10.79
N LEU A 65 -4.78 -16.38 11.48
CA LEU A 65 -5.28 -15.12 11.00
C LEU A 65 -4.72 -14.79 9.61
N ILE A 66 -3.40 -14.87 9.48
CA ILE A 66 -2.75 -14.61 8.19
C ILE A 66 -3.25 -15.62 7.18
N HIS A 67 -3.38 -16.89 7.59
CA HIS A 67 -3.85 -17.94 6.68
C HIS A 67 -5.21 -17.58 6.08
N LEU A 68 -6.07 -16.94 6.87
CA LEU A 68 -7.38 -16.50 6.36
C LEU A 68 -7.19 -15.47 5.24
N GLN A 69 -6.22 -14.57 5.38
CA GLN A 69 -6.02 -13.59 4.32
C GLN A 69 -5.45 -14.27 3.06
N VAL A 70 -4.53 -15.23 3.23
CA VAL A 70 -3.95 -15.96 2.07
C VAL A 70 -5.00 -16.77 1.32
N ALA A 71 -5.79 -17.59 2.02
CA ALA A 71 -6.89 -18.33 1.38
C ALA A 71 -7.87 -17.38 0.69
N ALA A 72 -8.23 -16.25 1.32
CA ALA A 72 -9.12 -15.28 0.68
C ALA A 72 -8.55 -14.78 -0.66
N ARG A 73 -7.26 -14.47 -0.69
CA ARG A 73 -6.62 -14.01 -1.91
C ARG A 73 -6.58 -15.11 -2.99
N GLN A 74 -6.37 -16.35 -2.56
CA GLN A 74 -6.34 -17.46 -3.53
C GLN A 74 -7.72 -17.67 -4.16
N ARG A 75 -8.78 -17.59 -3.35
CA ARG A 75 -10.15 -17.73 -3.83
C ARG A 75 -10.60 -16.53 -4.67
N LEU A 76 -10.08 -15.35 -4.37
CA LEU A 76 -10.35 -14.17 -5.20
C LEU A 76 -9.70 -14.35 -6.58
N PHE A 77 -8.48 -14.89 -6.59
CA PHE A 77 -7.81 -15.22 -7.85
C PHE A 77 -8.70 -16.11 -8.72
N ALA A 78 -9.18 -17.21 -8.15
CA ALA A 78 -10.06 -18.15 -8.85
C ALA A 78 -11.37 -17.50 -9.35
N ALA A 79 -12.05 -16.73 -8.50
CA ALA A 79 -13.31 -16.09 -8.90
C ALA A 79 -13.08 -15.09 -10.02
N THR A 80 -11.97 -14.37 -9.98
CA THR A 80 -11.62 -13.38 -11.00
C THR A 80 -11.30 -14.04 -12.35
N ALA A 81 -10.45 -15.06 -12.32
CA ALA A 81 -10.12 -15.88 -13.51
C ALA A 81 -11.37 -16.48 -14.18
N GLU A 82 -12.28 -17.01 -13.37
CA GLU A 82 -13.54 -17.54 -13.88
C GLU A 82 -14.37 -16.43 -14.50
N PHE A 83 -14.50 -15.32 -13.80
CA PHE A 83 -15.23 -14.17 -14.35
C PHE A 83 -14.68 -13.75 -15.71
N LEU A 84 -13.35 -13.73 -15.83
CA LEU A 84 -12.73 -13.32 -17.07
C LEU A 84 -12.76 -14.41 -18.14
N GLY A 85 -13.23 -15.61 -17.78
CA GLY A 85 -13.29 -16.75 -18.70
C GLY A 85 -11.91 -17.29 -19.01
N GLU A 86 -11.06 -17.33 -17.97
CA GLU A 86 -9.63 -17.62 -18.07
C GLU A 86 -8.97 -17.28 -19.40
N PRO A 87 -8.73 -15.98 -19.64
CA PRO A 87 -8.02 -15.61 -20.85
C PRO A 87 -6.58 -16.11 -20.80
N GLN A 88 -5.96 -16.22 -21.97
CA GLN A 88 -4.61 -16.73 -22.10
C GLN A 88 -3.55 -15.96 -21.31
N GLN A 89 -3.72 -14.65 -21.19
CA GLN A 89 -2.69 -13.82 -20.55
C GLN A 89 -2.82 -13.67 -19.03
N ASN A 90 -3.94 -14.15 -18.47
CA ASN A 90 -4.07 -14.32 -17.03
C ASN A 90 -3.19 -15.50 -16.57
N PRO A 91 -2.44 -15.35 -15.46
CA PRO A 91 -1.69 -16.50 -14.94
C PRO A 91 -2.61 -17.66 -14.56
N ASP A 92 -2.13 -18.90 -14.62
CA ASP A 92 -2.96 -20.05 -14.22
C ASP A 92 -3.06 -20.23 -12.71
N ARG A 93 -2.16 -19.60 -11.96
CA ARG A 93 -2.14 -19.71 -10.49
C ARG A 93 -1.96 -18.33 -9.84
N PRO A 94 -2.39 -18.17 -8.56
CA PRO A 94 -2.13 -16.91 -7.85
C PRO A 94 -0.63 -16.64 -7.71
N VAL A 95 -0.26 -15.37 -7.80
CA VAL A 95 1.14 -14.99 -7.64
C VAL A 95 1.50 -15.19 -6.15
N PRO A 96 2.80 -15.33 -5.81
CA PRO A 96 3.08 -15.45 -4.40
C PRO A 96 2.44 -14.34 -3.57
N PHE A 97 2.03 -14.70 -2.35
CA PHE A 97 1.52 -13.78 -1.33
C PHE A 97 2.73 -13.31 -0.50
N ILE A 98 2.98 -12.01 -0.53
CA ILE A 98 4.21 -11.49 0.08
C ILE A 98 3.95 -10.77 1.39
N ILE A 99 4.66 -11.19 2.44
CA ILE A 99 4.56 -10.63 3.78
C ILE A 99 5.83 -9.85 4.16
N GLY A 100 5.70 -8.58 4.45
CA GLY A 100 6.81 -7.80 5.02
C GLY A 100 6.98 -7.94 6.53
N VAL A 101 8.22 -8.05 7.00
CA VAL A 101 8.47 -8.01 8.43
C VAL A 101 9.51 -6.92 8.75
N ALA A 102 9.07 -5.88 9.48
CA ALA A 102 9.89 -4.70 9.75
C ALA A 102 10.10 -4.49 11.25
N GLY A 103 11.08 -3.65 11.59
CA GLY A 103 11.32 -3.19 12.95
C GLY A 103 12.79 -2.87 13.21
N SER A 104 13.10 -2.37 14.39
CA SER A 104 14.49 -2.05 14.80
C SER A 104 15.45 -3.21 14.64
N VAL A 105 16.74 -2.89 14.47
CA VAL A 105 17.82 -3.86 14.71
C VAL A 105 17.67 -4.41 16.13
N ALA A 106 17.84 -5.71 16.29
CA ALA A 106 17.80 -6.42 17.61
C ALA A 106 16.40 -6.54 18.25
N VAL A 107 15.33 -6.35 17.48
CA VAL A 107 13.98 -6.45 18.05
C VAL A 107 13.46 -7.89 17.92
N GLY A 108 14.13 -8.74 17.16
CA GLY A 108 13.70 -10.13 16.94
C GLY A 108 12.89 -10.37 15.67
N LYS A 109 13.10 -9.52 14.65
CA LYS A 109 12.40 -9.68 13.37
C LYS A 109 12.67 -11.04 12.77
N SER A 110 13.93 -11.45 12.81
CA SER A 110 14.38 -12.65 12.13
C SER A 110 13.76 -13.90 12.76
N THR A 111 13.62 -13.88 14.09
CA THR A 111 13.00 -14.96 14.83
C THR A 111 11.51 -15.03 14.48
N THR A 112 10.84 -13.89 14.53
CA THR A 112 9.42 -13.79 14.21
C THR A 112 9.15 -14.30 12.80
N ALA A 113 9.98 -13.85 11.87
CA ALA A 113 9.89 -14.30 10.48
C ALA A 113 10.08 -15.79 10.37
N ARG A 114 11.07 -16.33 11.06
CA ARG A 114 11.34 -17.77 10.98
C ARG A 114 10.22 -18.60 11.61
N VAL A 115 9.61 -18.09 12.68
CA VAL A 115 8.52 -18.80 13.34
C VAL A 115 7.30 -18.81 12.40
N LEU A 116 6.96 -17.63 11.87
CA LEU A 116 5.84 -17.52 10.95
C LEU A 116 6.01 -18.38 9.73
N GLN A 117 7.24 -18.47 9.23
CA GLN A 117 7.52 -19.32 8.08
C GLN A 117 7.18 -20.79 8.35
N ALA A 118 7.62 -21.30 9.50
CA ALA A 118 7.36 -22.69 9.88
C ALA A 118 5.86 -22.96 10.17
N LEU A 119 5.17 -21.99 10.77
CA LEU A 119 3.74 -22.17 11.05
C LEU A 119 2.84 -22.07 9.80
N LEU A 120 3.19 -21.18 8.87
CA LEU A 120 2.33 -20.96 7.70
C LEU A 120 2.43 -22.11 6.71
N ALA A 121 3.59 -22.76 6.69
CA ALA A 121 3.82 -23.89 5.80
C ALA A 121 2.95 -25.10 6.15
N ARG A 122 2.44 -25.16 7.37
CA ARG A 122 1.63 -26.31 7.82
C ARG A 122 0.21 -26.41 7.26
N TRP A 123 -0.23 -25.41 6.48
CA TRP A 123 -1.52 -25.48 5.79
C TRP A 123 -1.29 -25.97 4.37
N ASP A 124 -2.11 -26.91 3.92
CA ASP A 124 -1.96 -27.46 2.57
C ASP A 124 -2.42 -26.49 1.46
N HIS A 125 -3.09 -25.40 1.84
CA HIS A 125 -3.39 -24.31 0.91
C HIS A 125 -2.09 -23.61 0.48
N HIS A 126 -1.10 -23.61 1.35
CA HIS A 126 0.14 -22.88 1.03
C HIS A 126 1.37 -23.48 1.73
N PRO A 127 1.74 -24.71 1.33
CA PRO A 127 2.82 -25.43 1.99
C PRO A 127 4.23 -24.90 1.69
N ARG A 128 4.38 -24.11 0.62
CA ARG A 128 5.68 -23.58 0.23
C ARG A 128 5.88 -22.12 0.62
N VAL A 129 6.62 -21.92 1.71
CA VAL A 129 6.81 -20.61 2.30
C VAL A 129 8.31 -20.29 2.34
N ASP A 130 8.72 -19.27 1.58
CA ASP A 130 10.14 -18.83 1.51
C ASP A 130 10.42 -17.62 2.41
N LEU A 131 11.67 -17.48 2.84
CA LEU A 131 12.07 -16.35 3.66
C LEU A 131 13.33 -15.72 3.09
N VAL A 132 13.28 -14.41 2.82
CA VAL A 132 14.42 -13.64 2.35
C VAL A 132 14.58 -12.43 3.25
N THR A 133 15.81 -12.19 3.70
CA THR A 133 16.15 -10.99 4.45
C THR A 133 16.70 -9.95 3.47
N THR A 134 16.35 -8.70 3.67
CA THR A 134 16.90 -7.68 2.81
C THR A 134 18.37 -7.40 3.14
N ASP A 135 18.91 -8.06 4.18
CA ASP A 135 20.34 -7.93 4.52
C ASP A 135 21.18 -8.26 3.26
N GLY A 136 20.69 -9.21 2.46
CA GLY A 136 21.39 -9.63 1.23
C GLY A 136 21.39 -8.59 0.14
N PHE A 137 20.64 -7.49 0.33
CA PHE A 137 20.63 -6.37 -0.60
C PHE A 137 21.48 -5.16 -0.18
N LEU A 138 22.13 -5.26 0.98
CA LEU A 138 23.18 -4.28 1.33
C LEU A 138 24.27 -4.30 0.26
N TYR A 139 24.77 -3.12 -0.11
CA TYR A 139 25.99 -3.04 -0.90
C TYR A 139 27.12 -3.67 -0.09
N PRO A 140 28.05 -4.37 -0.77
CA PRO A 140 29.13 -4.98 0.00
C PRO A 140 30.01 -3.90 0.68
N ASN A 141 30.84 -4.30 1.65
CA ASN A 141 31.62 -3.35 2.47
C ASN A 141 32.49 -2.35 1.72
N ALA A 142 33.20 -2.82 0.70
CA ALA A 142 34.04 -2.00 -0.14
C ALA A 142 33.23 -0.92 -0.82
N GLU A 143 32.08 -1.34 -1.37
CA GLU A 143 31.20 -0.39 -2.04
C GLU A 143 30.63 0.62 -1.04
N LEU A 144 30.35 0.15 0.17
CA LEU A 144 29.93 1.05 1.26
C LEU A 144 31.05 2.04 1.61
N GLN A 145 32.29 1.54 1.69
CA GLN A 145 33.47 2.39 1.96
C GLN A 145 33.55 3.48 0.89
N ARG A 146 33.54 3.06 -0.37
CA ARG A 146 33.51 3.99 -1.51
C ARG A 146 32.51 5.12 -1.36
N ARG A 147 31.31 4.81 -0.86
CA ARG A 147 30.26 5.81 -0.76
C ARG A 147 30.23 6.61 0.53
N ASN A 148 31.26 6.48 1.38
CA ASN A 148 31.22 7.10 2.72
C ASN A 148 29.96 6.63 3.47
N LEU A 149 29.68 5.33 3.43
CA LEU A 149 28.47 4.79 4.08
C LEU A 149 28.69 3.64 5.08
N MET A 150 29.95 3.33 5.40
CA MET A 150 30.22 2.27 6.38
C MET A 150 29.55 2.53 7.74
N HIS A 151 29.43 3.79 8.13
CA HIS A 151 28.84 4.12 9.42
C HIS A 151 27.31 4.18 9.34
N ARG A 152 26.77 3.89 8.15
CA ARG A 152 25.31 3.94 7.96
C ARG A 152 24.77 2.64 7.42
N LYS A 153 25.42 1.54 7.78
CA LYS A 153 24.96 0.25 7.30
C LYS A 153 23.58 0.02 7.92
N GLY A 154 22.58 -0.24 7.08
CA GLY A 154 21.22 -0.42 7.52
C GLY A 154 20.32 0.79 7.28
N PHE A 155 20.94 1.92 6.96
CA PHE A 155 20.21 3.13 6.53
C PHE A 155 19.69 2.87 5.11
N PRO A 156 18.66 3.62 4.65
CA PRO A 156 18.06 3.33 3.32
C PRO A 156 19.02 3.24 2.12
N GLU A 157 19.93 4.20 1.99
CA GLU A 157 20.93 4.24 0.90
C GLU A 157 22.06 3.23 1.05
N SER A 158 22.13 2.51 2.16
CA SER A 158 23.12 1.44 2.29
C SER A 158 22.73 0.16 1.54
N TYR A 159 21.49 0.11 1.07
CA TYR A 159 20.99 -1.03 0.30
C TYR A 159 20.97 -0.72 -1.19
N ASN A 160 21.10 -1.74 -2.02
CA ASN A 160 20.84 -1.56 -3.46
C ASN A 160 19.33 -1.61 -3.68
N ARG A 161 18.69 -0.45 -3.66
CA ARG A 161 17.23 -0.38 -3.77
C ARG A 161 16.69 -0.89 -5.12
N ARG A 162 17.39 -0.53 -6.19
CA ARG A 162 17.02 -0.96 -7.52
C ARG A 162 17.03 -2.49 -7.62
N ALA A 163 18.07 -3.12 -7.07
CA ALA A 163 18.14 -4.59 -7.10
C ALA A 163 17.03 -5.21 -6.22
N LEU A 164 16.83 -4.64 -5.03
CA LEU A 164 15.75 -5.11 -4.14
C LEU A 164 14.40 -5.01 -4.83
N MET A 165 14.12 -3.87 -5.45
CA MET A 165 12.84 -3.68 -6.14
C MET A 165 12.66 -4.66 -7.34
N ARG A 166 13.73 -4.89 -8.11
CA ARG A 166 13.70 -5.87 -9.20
C ARG A 166 13.39 -7.29 -8.72
N PHE A 167 13.98 -7.70 -7.61
CA PHE A 167 13.76 -9.03 -7.08
C PHE A 167 12.30 -9.20 -6.65
N VAL A 168 11.78 -8.27 -5.85
CA VAL A 168 10.40 -8.39 -5.37
C VAL A 168 9.40 -8.32 -6.53
N THR A 169 9.70 -7.50 -7.55
CA THR A 169 8.83 -7.39 -8.74
C THR A 169 8.80 -8.70 -9.51
N SER A 170 9.96 -9.29 -9.71
CA SER A 170 10.04 -10.60 -10.36
C SER A 170 9.19 -11.66 -9.65
N VAL A 171 9.30 -11.73 -8.32
CA VAL A 171 8.50 -12.67 -7.54
C VAL A 171 7.00 -12.36 -7.69
N LYS A 172 6.63 -11.08 -7.53
CA LYS A 172 5.23 -10.66 -7.65
C LYS A 172 4.65 -10.82 -9.03
N SER A 173 5.50 -10.87 -10.05
CA SER A 173 5.09 -11.02 -11.44
C SER A 173 4.76 -12.46 -11.76
N GLY A 174 5.11 -13.36 -10.86
CA GLY A 174 4.87 -14.79 -11.03
C GLY A 174 5.99 -15.51 -11.75
N SER A 175 7.20 -14.95 -11.75
CA SER A 175 8.38 -15.66 -12.28
C SER A 175 8.61 -16.97 -11.56
N ASP A 176 9.08 -17.96 -12.30
CA ASP A 176 9.43 -19.23 -11.70
C ASP A 176 10.85 -19.23 -11.19
N TYR A 177 11.55 -18.12 -11.40
CA TYR A 177 12.93 -17.98 -10.98
C TYR A 177 13.24 -16.54 -10.58
N ALA A 178 13.74 -16.35 -9.36
CA ALA A 178 14.14 -15.04 -8.85
C ALA A 178 15.28 -15.23 -7.88
N CYS A 179 16.25 -14.32 -7.90
CA CYS A 179 17.51 -14.55 -7.23
C CYS A 179 17.98 -13.38 -6.35
N ALA A 180 18.36 -13.69 -5.12
CA ALA A 180 18.79 -12.69 -4.16
C ALA A 180 20.21 -13.01 -3.73
N PRO A 181 21.05 -11.98 -3.54
CA PRO A 181 22.38 -12.22 -2.95
C PRO A 181 22.25 -12.61 -1.48
N VAL A 182 23.38 -12.97 -0.86
CA VAL A 182 23.38 -13.46 0.51
C VAL A 182 24.36 -12.66 1.36
N TYR A 183 23.95 -12.32 2.58
CA TYR A 183 24.80 -11.61 3.53
C TYR A 183 25.27 -12.56 4.62
N SER A 184 26.55 -12.44 4.99
CA SER A 184 27.13 -13.17 6.11
C SER A 184 27.21 -12.29 7.35
N HIS A 185 26.48 -12.66 8.40
CA HIS A 185 26.52 -11.94 9.67
C HIS A 185 27.83 -12.16 10.43
N LEU A 186 28.42 -13.34 10.23
CA LEU A 186 29.73 -13.68 10.77
C LEU A 186 30.80 -12.74 10.22
N HIS A 187 30.79 -12.57 8.90
CA HIS A 187 31.82 -11.77 8.25
C HIS A 187 31.45 -10.29 8.09
N TYR A 188 30.20 -9.94 8.40
CA TYR A 188 29.76 -8.54 8.27
C TYR A 188 29.81 -8.09 6.82
N ASP A 189 29.40 -8.96 5.90
CA ASP A 189 29.50 -8.64 4.49
C ASP A 189 28.74 -9.63 3.62
N ILE A 190 28.46 -9.20 2.40
CA ILE A 190 27.92 -10.07 1.36
C ILE A 190 28.92 -11.16 1.00
N ILE A 191 28.44 -12.39 0.86
CA ILE A 191 29.25 -13.50 0.39
C ILE A 191 29.29 -13.43 -1.14
N PRO A 192 30.45 -13.05 -1.72
CA PRO A 192 30.60 -13.00 -3.17
C PRO A 192 30.25 -14.34 -3.81
N GLY A 193 29.55 -14.31 -4.93
CA GLY A 193 29.07 -15.54 -5.56
C GLY A 193 27.73 -16.07 -5.06
N ALA A 194 27.50 -16.04 -3.75
CA ALA A 194 26.33 -16.70 -3.14
C ALA A 194 24.97 -16.12 -3.59
N GLU A 195 24.02 -17.02 -3.77
CA GLU A 195 22.70 -16.64 -4.24
C GLU A 195 21.62 -17.45 -3.53
N GLN A 196 20.45 -16.85 -3.35
CA GLN A 196 19.29 -17.59 -2.88
C GLN A 196 18.24 -17.55 -3.97
N VAL A 197 17.84 -18.73 -4.43
CA VAL A 197 16.89 -18.83 -5.52
C VAL A 197 15.50 -19.01 -4.93
N VAL A 198 14.55 -18.21 -5.43
CA VAL A 198 13.15 -18.32 -5.06
C VAL A 198 12.35 -18.75 -6.30
N ARG A 199 11.52 -19.79 -6.16
CA ARG A 199 10.78 -20.33 -7.31
C ARG A 199 9.25 -20.36 -7.16
N HIS A 200 8.62 -19.19 -7.25
CA HIS A 200 7.17 -19.08 -7.12
C HIS A 200 6.62 -19.82 -5.89
N PRO A 201 7.08 -19.46 -4.68
CA PRO A 201 6.50 -20.03 -3.47
C PRO A 201 5.04 -19.57 -3.32
N ASP A 202 4.28 -20.21 -2.43
CA ASP A 202 2.92 -19.75 -2.14
C ASP A 202 2.98 -18.44 -1.37
N ILE A 203 3.92 -18.36 -0.44
CA ILE A 203 4.14 -17.20 0.40
C ILE A 203 5.64 -16.90 0.41
N LEU A 204 5.97 -15.63 0.24
CA LEU A 204 7.32 -15.14 0.51
C LEU A 204 7.25 -14.15 1.68
N ILE A 205 8.06 -14.41 2.70
CA ILE A 205 8.28 -13.47 3.77
C ILE A 205 9.54 -12.64 3.48
N LEU A 206 9.43 -11.32 3.55
CA LEU A 206 10.55 -10.45 3.28
C LEU A 206 10.85 -9.67 4.55
N GLU A 207 11.94 -10.04 5.21
CA GLU A 207 12.32 -9.52 6.53
C GLU A 207 13.43 -8.49 6.38
N GLY A 208 13.32 -7.36 7.05
CA GLY A 208 14.39 -6.34 7.00
C GLY A 208 14.00 -5.00 7.60
N LEU A 209 15.00 -4.21 7.99
CA LEU A 209 14.83 -2.86 8.54
C LEU A 209 13.99 -1.94 7.65
N ASN A 210 14.12 -2.14 6.35
CA ASN A 210 13.74 -1.15 5.35
C ASN A 210 12.51 -1.53 4.54
N VAL A 211 11.86 -2.64 4.89
CA VAL A 211 10.77 -3.19 4.06
C VAL A 211 9.53 -2.29 3.92
N LEU A 212 9.25 -1.45 4.92
CA LEU A 212 8.07 -0.59 4.88
C LEU A 212 8.39 0.87 4.53
N GLN A 213 9.65 1.13 4.18
CA GLN A 213 10.07 2.47 3.82
C GLN A 213 9.49 2.87 2.47
N THR A 214 9.20 4.15 2.32
CA THR A 214 8.56 4.65 1.12
C THR A 214 9.59 5.23 0.15
N GLY A 215 9.17 5.44 -1.09
CA GLY A 215 9.98 6.10 -2.11
C GLY A 215 9.08 6.90 -3.06
N PRO A 216 9.67 7.69 -3.98
CA PRO A 216 8.90 8.58 -4.86
C PRO A 216 7.86 7.86 -5.75
N THR A 217 8.12 6.60 -6.09
CA THR A 217 7.29 5.87 -7.05
C THR A 217 6.84 4.52 -6.48
N LEU A 218 6.63 3.51 -7.33
CA LEU A 218 6.38 2.13 -6.88
C LEU A 218 7.48 1.71 -5.90
N MET A 219 7.09 1.26 -4.71
CA MET A 219 8.06 0.88 -3.67
C MET A 219 7.88 -0.61 -3.37
N VAL A 220 8.81 -1.24 -2.64
CA VAL A 220 8.68 -2.69 -2.44
C VAL A 220 7.40 -3.08 -1.69
N SER A 221 6.97 -2.28 -0.72
CA SER A 221 5.74 -2.53 0.05
C SER A 221 4.44 -2.39 -0.77
N ASP A 222 4.51 -1.74 -1.93
CA ASP A 222 3.36 -1.71 -2.84
C ASP A 222 3.02 -3.10 -3.31
N LEU A 223 3.97 -4.02 -3.18
CA LEU A 223 3.80 -5.40 -3.59
C LEU A 223 3.47 -6.36 -2.42
N PHE A 224 3.32 -5.83 -1.22
CA PHE A 224 3.04 -6.68 -0.06
C PHE A 224 1.55 -6.96 -0.02
N ASP A 225 1.18 -8.15 0.42
CA ASP A 225 -0.21 -8.41 0.69
C ASP A 225 -0.51 -8.30 2.18
N PHE A 226 0.53 -8.30 3.02
CA PHE A 226 0.38 -8.25 4.47
C PHE A 226 1.73 -7.78 5.02
N SER A 227 1.72 -7.05 6.14
CA SER A 227 3.00 -6.72 6.79
C SER A 227 2.94 -6.65 8.32
N LEU A 228 4.04 -7.02 8.97
CA LEU A 228 4.17 -6.89 10.41
C LEU A 228 5.24 -5.89 10.80
N TYR A 229 4.99 -5.16 11.88
CA TYR A 229 6.06 -4.36 12.47
C TYR A 229 6.24 -4.88 13.90
N VAL A 230 7.45 -5.38 14.21
CA VAL A 230 7.83 -5.79 15.58
C VAL A 230 8.38 -4.58 16.33
N ASP A 231 7.64 -4.18 17.37
CA ASP A 231 7.84 -2.92 18.10
C ASP A 231 8.25 -3.23 19.54
N ALA A 232 8.86 -2.25 20.19
CA ALA A 232 9.20 -2.31 21.61
C ALA A 232 9.64 -0.93 22.00
N ARG A 233 9.62 -0.64 23.29
CA ARG A 233 10.14 0.61 23.82
C ARG A 233 11.63 0.74 23.48
N ILE A 234 12.03 1.95 23.13
CA ILE A 234 13.39 2.17 22.62
C ILE A 234 14.47 1.82 23.67
N GLU A 235 14.21 2.12 24.94
CA GLU A 235 15.07 1.73 26.06
C GLU A 235 15.25 0.21 26.19
N ASP A 236 14.19 -0.54 25.91
CA ASP A 236 14.25 -1.99 26.01
C ASP A 236 15.09 -2.57 24.89
N ILE A 237 14.93 -2.03 23.67
CA ILE A 237 15.68 -2.53 22.51
C ILE A 237 17.16 -2.26 22.73
N GLU A 238 17.49 -1.07 23.25
CA GLU A 238 18.87 -0.75 23.67
C GLU A 238 19.48 -1.84 24.59
N GLN A 239 18.72 -2.26 25.60
CA GLN A 239 19.20 -3.33 26.50
C GLN A 239 19.41 -4.67 25.78
N TRP A 240 18.48 -5.06 24.93
CA TRP A 240 18.65 -6.25 24.11
C TRP A 240 19.88 -6.15 23.23
N TYR A 241 20.11 -4.98 22.64
CA TYR A 241 21.27 -4.78 21.77
C TYR A 241 22.59 -4.94 22.55
N VAL A 242 22.66 -4.31 23.71
CA VAL A 242 23.81 -4.42 24.62
C VAL A 242 24.08 -5.89 25.03
N SER A 243 23.04 -6.61 25.46
CA SER A 243 23.21 -8.04 25.80
C SER A 243 23.70 -8.84 24.61
N ARG A 244 23.18 -8.56 23.43
CA ARG A 244 23.60 -9.29 22.26
C ARG A 244 25.09 -9.05 21.96
N PHE A 245 25.53 -7.81 22.10
CA PHE A 245 26.94 -7.44 21.92
C PHE A 245 27.83 -8.16 22.93
N LEU A 246 27.44 -8.13 24.21
CA LEU A 246 28.18 -8.81 25.25
C LEU A 246 28.26 -10.30 24.96
N ALA A 247 27.13 -10.88 24.53
CA ALA A 247 27.11 -12.31 24.21
C ALA A 247 28.00 -12.62 23.02
N MET A 248 28.10 -11.68 22.07
CA MET A 248 28.97 -11.85 20.90
C MET A 248 30.47 -11.98 21.18
N ARG A 249 30.91 -11.55 22.36
CA ARG A 249 32.34 -11.71 22.74
C ARG A 249 32.78 -13.18 22.65
N THR A 250 31.83 -14.08 22.93
CA THR A 250 32.00 -15.55 22.91
C THR A 250 31.85 -16.15 21.53
N THR A 251 31.05 -15.50 20.68
CA THR A 251 30.76 -16.09 19.40
C THR A 251 31.45 -15.37 18.28
N ALA A 252 30.76 -14.40 17.67
CA ALA A 252 31.26 -13.73 16.48
C ALA A 252 32.64 -13.05 16.70
N PHE A 253 32.83 -12.43 17.85
CA PHE A 253 34.08 -11.71 18.14
C PHE A 253 35.24 -12.61 18.56
N ALA A 254 34.93 -13.86 18.93
CA ALA A 254 35.94 -14.81 19.42
C ALA A 254 36.93 -15.25 18.33
N ASP A 255 36.51 -15.19 17.07
CA ASP A 255 37.38 -15.54 15.96
C ASP A 255 38.50 -14.51 15.78
N PRO A 256 39.78 -14.95 15.85
CA PRO A 256 40.92 -14.06 15.55
C PRO A 256 40.88 -13.40 14.16
N GLU A 257 40.16 -14.00 13.22
CA GLU A 257 39.91 -13.42 11.89
C GLU A 257 39.04 -12.16 11.90
N SER A 258 38.09 -12.10 12.83
CA SER A 258 37.12 -10.99 12.86
C SER A 258 37.80 -9.63 12.88
N HIS A 259 37.21 -8.66 12.19
CA HIS A 259 37.64 -7.26 12.29
C HIS A 259 37.31 -6.68 13.65
N PHE A 260 36.50 -7.40 14.41
CA PHE A 260 36.05 -6.94 15.72
C PHE A 260 36.52 -7.85 16.87
N HIS A 261 37.54 -8.64 16.58
CA HIS A 261 38.11 -9.55 17.55
C HIS A 261 38.56 -8.84 18.84
N HIS A 262 38.98 -7.57 18.72
CA HIS A 262 39.39 -6.81 19.92
C HIS A 262 38.28 -6.69 21.00
N TYR A 263 37.02 -6.88 20.60
CA TYR A 263 35.90 -6.66 21.53
C TYR A 263 35.72 -7.86 22.47
N ALA A 264 36.19 -9.03 22.03
CA ALA A 264 36.11 -10.28 22.78
C ALA A 264 36.71 -10.13 24.18
N ALA A 265 37.85 -9.42 24.26
CA ALA A 265 38.51 -9.21 25.54
C ALA A 265 38.00 -8.01 26.36
N PHE A 266 37.02 -7.25 25.86
CA PHE A 266 36.43 -6.16 26.65
C PHE A 266 35.64 -6.73 27.85
N SER A 267 35.94 -6.26 29.05
CA SER A 267 35.22 -6.69 30.24
C SER A 267 33.84 -6.01 30.27
N ASP A 268 32.92 -6.52 31.10
CA ASP A 268 31.52 -6.11 31.04
C ASP A 268 31.32 -4.59 30.97
N SER A 269 32.06 -3.83 31.77
CA SER A 269 31.86 -2.37 31.79
C SER A 269 32.24 -1.70 30.48
N GLN A 270 33.38 -2.10 29.92
CA GLN A 270 33.86 -1.48 28.68
C GLN A 270 33.01 -1.97 27.50
N ALA A 271 32.58 -3.23 27.56
CA ALA A 271 31.73 -3.81 26.52
C ALA A 271 30.39 -3.07 26.46
N VAL A 272 29.85 -2.72 27.62
CA VAL A 272 28.59 -1.96 27.69
C VAL A 272 28.79 -0.59 27.05
N VAL A 273 29.94 0.01 27.31
CA VAL A 273 30.24 1.31 26.72
C VAL A 273 30.38 1.24 25.18
N ALA A 274 31.13 0.26 24.69
CA ALA A 274 31.31 0.06 23.25
C ALA A 274 29.95 -0.20 22.58
N ALA A 275 29.18 -1.14 23.12
CA ALA A 275 27.84 -1.48 22.59
C ALA A 275 26.89 -0.29 22.54
N ARG A 276 26.84 0.48 23.63
CA ARG A 276 25.95 1.63 23.69
C ARG A 276 26.34 2.76 22.77
N GLU A 277 27.64 2.95 22.59
CA GLU A 277 28.14 3.92 21.63
C GLU A 277 27.72 3.54 20.20
N ILE A 278 27.87 2.28 19.85
CA ILE A 278 27.43 1.83 18.51
C ILE A 278 25.91 1.99 18.35
N TRP A 279 25.17 1.59 19.38
CA TRP A 279 23.73 1.79 19.38
C TRP A 279 23.36 3.27 19.15
N ARG A 280 23.97 4.17 19.94
CA ARG A 280 23.68 5.61 19.95
C ARG A 280 24.00 6.30 18.64
N THR A 281 25.05 5.84 17.97
CA THR A 281 25.57 6.52 16.79
C THR A 281 25.08 5.94 15.46
N ILE A 282 24.57 4.71 15.46
CA ILE A 282 24.12 4.07 14.22
C ILE A 282 22.67 3.51 14.28
N ASN A 283 22.43 2.56 15.17
CA ASN A 283 21.16 1.83 15.13
C ASN A 283 19.98 2.63 15.69
N ARG A 284 20.22 3.38 16.77
CA ARG A 284 19.17 4.20 17.37
C ARG A 284 18.71 5.32 16.43
N PRO A 285 19.65 6.12 15.84
CA PRO A 285 19.22 7.15 14.89
C PRO A 285 18.58 6.59 13.62
N ASN A 286 19.00 5.40 13.18
CA ASN A 286 18.35 4.76 12.06
C ASN A 286 16.89 4.39 12.44
N LEU A 287 16.70 3.92 13.66
CA LEU A 287 15.35 3.60 14.15
C LEU A 287 14.44 4.83 14.23
N VAL A 288 14.93 5.89 14.88
CA VAL A 288 14.15 7.14 15.03
C VAL A 288 13.80 7.77 13.67
N GLU A 289 14.79 7.88 12.77
CA GLU A 289 14.62 8.64 11.55
C GLU A 289 13.89 7.83 10.44
N ASN A 290 14.23 6.55 10.32
CA ASN A 290 13.89 5.77 9.14
C ASN A 290 12.92 4.62 9.39
N ILE A 291 13.02 3.98 10.54
CA ILE A 291 12.27 2.74 10.79
C ILE A 291 10.94 2.99 11.50
N LEU A 292 11.00 3.68 12.64
CA LEU A 292 9.82 3.98 13.44
C LEU A 292 8.74 4.72 12.64
N PRO A 293 9.10 5.72 11.80
CA PRO A 293 8.01 6.34 11.04
C PRO A 293 7.23 5.40 10.11
N THR A 294 7.77 4.20 9.82
CA THR A 294 7.06 3.24 8.98
C THR A 294 6.09 2.36 9.77
N ARG A 295 6.19 2.38 11.09
CA ARG A 295 5.37 1.51 11.92
C ARG A 295 3.84 1.60 11.65
N PRO A 296 3.29 2.82 11.46
CA PRO A 296 1.86 2.85 11.13
C PRO A 296 1.48 2.33 9.72
N ARG A 297 2.45 1.89 8.93
CA ARG A 297 2.13 1.37 7.58
C ARG A 297 1.89 -0.14 7.61
N ALA A 298 2.25 -0.77 8.73
CA ALA A 298 2.05 -2.22 8.89
C ALA A 298 0.58 -2.61 9.08
N THR A 299 0.23 -3.75 8.50
CA THR A 299 -1.09 -4.37 8.76
C THR A 299 -1.21 -4.82 10.22
N LEU A 300 -0.12 -5.36 10.76
CA LEU A 300 -0.10 -5.84 12.13
C LEU A 300 1.15 -5.33 12.85
N VAL A 301 0.93 -4.66 13.98
CA VAL A 301 2.03 -4.24 14.86
C VAL A 301 2.00 -5.10 16.14
N LEU A 302 3.10 -5.82 16.39
CA LEU A 302 3.30 -6.56 17.64
C LEU A 302 4.33 -5.88 18.53
N ARG A 303 3.90 -5.50 19.73
CA ARG A 303 4.80 -4.85 20.66
C ARG A 303 5.29 -5.86 21.68
N LYS A 304 6.57 -5.79 22.01
CA LYS A 304 7.15 -6.69 23.01
C LYS A 304 7.47 -6.00 24.32
N ASP A 305 7.28 -6.73 25.43
CA ASP A 305 7.77 -6.34 26.75
C ASP A 305 9.29 -6.45 26.78
N ALA A 306 9.89 -5.85 27.82
CA ALA A 306 11.30 -5.97 28.15
C ALA A 306 11.82 -7.41 28.24
N ASP A 307 10.94 -8.34 28.65
CA ASP A 307 11.27 -9.76 28.73
C ASP A 307 11.11 -10.49 27.40
N HIS A 308 10.82 -9.76 26.33
CA HIS A 308 10.68 -10.36 25.00
C HIS A 308 9.30 -10.96 24.74
N SER A 309 8.38 -10.84 25.70
CA SER A 309 7.03 -11.37 25.50
C SER A 309 6.13 -10.33 24.83
N ILE A 310 5.29 -10.78 23.91
CA ILE A 310 4.35 -9.89 23.25
C ILE A 310 3.31 -9.38 24.25
N ASN A 311 3.24 -8.05 24.45
CA ASN A 311 2.26 -7.46 25.35
C ASN A 311 1.07 -6.78 24.66
N ARG A 312 1.16 -6.62 23.33
CA ARG A 312 0.10 -5.92 22.61
C ARG A 312 0.10 -6.20 21.10
N LEU A 313 -1.09 -6.35 20.55
CA LEU A 313 -1.28 -6.63 19.12
C LEU A 313 -2.26 -5.62 18.55
N ARG A 314 -1.86 -5.00 17.43
CA ARG A 314 -2.72 -4.09 16.69
C ARG A 314 -2.87 -4.56 15.26
N LEU A 315 -4.11 -4.87 14.92
CA LEU A 315 -4.44 -5.33 13.60
C LEU A 315 -5.35 -4.31 12.93
N ARG A 316 -4.96 -3.90 11.73
CA ARG A 316 -5.81 -3.09 10.85
C ARG A 316 -7.20 -3.70 10.73
N LYS A 317 -8.23 -2.91 11.01
CA LYS A 317 -9.61 -3.39 10.84
C LYS A 317 -9.85 -3.77 9.40
N LEU A 318 -10.52 -4.91 9.21
CA LEU A 318 -10.91 -5.37 7.87
C LEU A 318 -12.27 -4.75 7.45
N PRO B 13 7.51 -10.57 -18.45
CA PRO B 13 7.03 -10.90 -17.10
C PRO B 13 6.81 -9.63 -16.26
N SER B 14 5.53 -9.34 -16.01
CA SER B 14 5.10 -8.06 -15.47
C SER B 14 4.23 -8.26 -14.23
N PRO B 15 4.13 -7.23 -13.35
CA PRO B 15 3.21 -7.39 -12.23
C PRO B 15 1.72 -7.34 -12.62
N TYR B 16 1.42 -6.98 -13.85
CA TYR B 16 0.03 -6.83 -14.27
C TYR B 16 -0.37 -7.72 -15.46
N VAL B 17 -1.68 -7.93 -15.60
CA VAL B 17 -2.26 -8.55 -16.78
C VAL B 17 -2.74 -7.44 -17.72
N GLU B 18 -2.38 -7.53 -19.00
CA GLU B 18 -2.71 -6.50 -19.97
C GLU B 18 -3.71 -6.95 -21.05
N PHE B 19 -4.74 -6.13 -21.28
CA PHE B 19 -5.68 -6.36 -22.36
C PHE B 19 -5.78 -5.09 -23.18
N ASP B 20 -5.72 -5.21 -24.51
CA ASP B 20 -6.13 -4.07 -25.29
C ASP B 20 -7.63 -4.19 -25.52
N ARG B 21 -8.24 -3.18 -26.12
CA ARG B 21 -9.69 -3.12 -26.28
C ARG B 21 -10.27 -4.34 -27.02
N ARG B 22 -9.66 -4.69 -28.16
CA ARG B 22 -10.10 -5.87 -28.93
C ARG B 22 -10.11 -7.17 -28.10
N GLN B 23 -9.04 -7.43 -27.34
CA GLN B 23 -9.00 -8.60 -26.45
C GLN B 23 -10.04 -8.50 -25.35
N TRP B 24 -10.18 -7.32 -24.77
CA TRP B 24 -11.16 -7.11 -23.71
C TRP B 24 -12.55 -7.40 -24.25
N ARG B 25 -12.78 -6.96 -25.48
CA ARG B 25 -14.02 -7.21 -26.18
C ARG B 25 -14.23 -8.70 -26.37
N ALA B 26 -13.19 -9.40 -26.82
CA ALA B 26 -13.28 -10.82 -27.18
C ALA B 26 -13.60 -11.76 -26.01
N LEU B 27 -13.33 -11.31 -24.79
CA LEU B 27 -13.44 -12.13 -23.58
C LEU B 27 -14.83 -12.71 -23.34
N ARG B 28 -14.87 -13.97 -22.97
CA ARG B 28 -16.10 -14.66 -22.61
C ARG B 28 -16.39 -14.40 -21.14
N MET B 29 -16.89 -13.21 -20.83
CA MET B 29 -17.08 -12.78 -19.44
C MET B 29 -18.40 -13.26 -18.87
N SER B 30 -18.35 -13.76 -17.63
CA SER B 30 -19.46 -14.45 -17.00
C SER B 30 -20.65 -13.53 -16.70
N THR B 31 -21.79 -13.83 -17.35
CA THR B 31 -23.08 -13.17 -17.11
C THR B 31 -23.09 -11.67 -17.41
N PRO B 32 -24.02 -11.22 -18.27
CA PRO B 32 -24.17 -9.79 -18.54
C PRO B 32 -24.49 -8.97 -17.29
N LEU B 33 -25.44 -9.45 -16.46
CA LEU B 33 -26.03 -8.68 -15.34
C LEU B 33 -26.52 -7.30 -15.81
N ALA B 34 -27.07 -7.27 -17.02
CA ALA B 34 -27.25 -6.06 -17.84
C ALA B 34 -28.08 -4.93 -17.22
N LEU B 35 -28.08 -3.80 -17.92
CA LEU B 35 -28.61 -2.54 -17.40
C LEU B 35 -30.03 -2.20 -17.80
N THR B 36 -30.77 -1.64 -16.83
CA THR B 36 -32.12 -1.14 -17.05
C THR B 36 -32.07 0.25 -17.68
N GLU B 37 -33.10 0.57 -18.47
CA GLU B 37 -33.15 1.82 -19.24
C GLU B 37 -33.27 3.06 -18.37
N GLU B 38 -33.92 2.91 -17.21
CA GLU B 38 -34.03 3.99 -16.23
C GLU B 38 -32.71 4.29 -15.53
N GLU B 39 -31.83 3.29 -15.46
CA GLU B 39 -30.45 3.47 -15.00
C GLU B 39 -29.59 4.12 -16.09
N LEU B 40 -29.78 3.72 -17.35
CA LEU B 40 -29.07 4.32 -18.49
C LEU B 40 -29.38 5.83 -18.64
N VAL B 41 -30.61 6.21 -18.28
CA VAL B 41 -31.04 7.61 -18.29
C VAL B 41 -30.16 8.43 -17.35
N GLY B 42 -30.10 8.02 -16.08
CA GLY B 42 -29.21 8.62 -15.09
C GLY B 42 -27.77 8.63 -15.57
N LEU B 43 -27.37 7.56 -16.27
CA LEU B 43 -26.01 7.41 -16.80
C LEU B 43 -25.63 8.45 -17.85
N ARG B 44 -26.61 8.96 -18.61
CA ARG B 44 -26.34 10.03 -19.56
C ARG B 44 -25.95 11.31 -18.84
N GLY B 45 -26.69 11.63 -17.77
CA GLY B 45 -26.55 12.91 -17.08
C GLY B 45 -25.29 13.12 -16.24
N LEU B 46 -24.23 12.36 -16.55
CA LEU B 46 -23.00 12.42 -15.77
C LEU B 46 -21.73 12.04 -16.57
N GLY B 47 -21.87 11.85 -17.88
CA GLY B 47 -20.78 11.35 -18.72
C GLY B 47 -20.28 12.26 -19.84
N GLU B 48 -20.63 11.90 -21.07
CA GLU B 48 -20.18 12.57 -22.32
C GLU B 48 -18.78 12.15 -22.79
N GLN B 49 -17.83 12.06 -21.86
CA GLN B 49 -16.54 11.42 -22.14
C GLN B 49 -16.62 9.91 -21.85
N ILE B 50 -17.81 9.47 -21.43
CA ILE B 50 -18.14 8.07 -21.30
C ILE B 50 -19.44 7.82 -22.07
N ASP B 51 -19.27 7.15 -23.21
CA ASP B 51 -20.31 6.79 -24.17
C ASP B 51 -21.05 5.53 -23.67
N LEU B 52 -22.29 5.32 -24.14
CA LEU B 52 -23.02 4.05 -23.91
C LEU B 52 -22.17 2.80 -24.09
N LEU B 53 -21.47 2.70 -25.21
CA LEU B 53 -20.61 1.54 -25.48
C LEU B 53 -19.58 1.33 -24.37
N GLU B 54 -18.94 2.42 -23.94
CA GLU B 54 -17.93 2.32 -22.89
C GLU B 54 -18.50 1.77 -21.59
N VAL B 55 -19.70 2.20 -21.24
CA VAL B 55 -20.36 1.66 -20.05
C VAL B 55 -20.57 0.16 -20.20
N GLU B 56 -21.12 -0.23 -21.34
CA GLU B 56 -21.52 -1.60 -21.58
C GLU B 56 -20.31 -2.53 -21.64
N GLU B 57 -19.28 -2.13 -22.37
CA GLU B 57 -18.16 -3.02 -22.65
C GLU B 57 -17.03 -2.93 -21.64
N VAL B 58 -16.88 -1.77 -21.00
CA VAL B 58 -15.71 -1.57 -20.14
C VAL B 58 -16.09 -1.41 -18.68
N TYR B 59 -16.88 -0.38 -18.40
CA TYR B 59 -17.14 0.04 -17.01
C TYR B 59 -17.98 -0.91 -16.19
N LEU B 60 -19.03 -1.46 -16.81
CA LEU B 60 -19.84 -2.48 -16.16
C LEU B 60 -19.06 -3.75 -15.81
N PRO B 61 -18.31 -4.35 -16.76
CA PRO B 61 -17.44 -5.46 -16.37
C PRO B 61 -16.39 -5.10 -15.29
N LEU B 62 -15.80 -3.92 -15.39
CA LEU B 62 -14.91 -3.40 -14.35
C LEU B 62 -15.59 -3.35 -12.97
N ALA B 63 -16.81 -2.82 -12.92
CA ALA B 63 -17.57 -2.79 -11.67
C ALA B 63 -17.78 -4.21 -11.11
N ARG B 64 -17.91 -5.20 -12.01
CA ARG B 64 -18.10 -6.57 -11.54
C ARG B 64 -16.80 -7.10 -10.96
N LEU B 65 -15.70 -6.82 -11.65
CA LEU B 65 -14.37 -7.16 -11.16
C LEU B 65 -14.08 -6.55 -9.78
N ILE B 66 -14.47 -5.30 -9.59
CA ILE B 66 -14.25 -4.62 -8.32
C ILE B 66 -15.18 -5.19 -7.27
N HIS B 67 -16.44 -5.45 -7.65
CA HIS B 67 -17.40 -6.08 -6.75
C HIS B 67 -16.82 -7.37 -6.15
N LEU B 68 -16.13 -8.16 -6.98
CA LEU B 68 -15.49 -9.39 -6.49
C LEU B 68 -14.52 -9.15 -5.33
N GLN B 69 -13.73 -8.09 -5.44
CA GLN B 69 -12.79 -7.72 -4.39
C GLN B 69 -13.52 -7.23 -3.12
N VAL B 70 -14.59 -6.45 -3.30
CA VAL B 70 -15.35 -5.92 -2.15
C VAL B 70 -16.01 -7.08 -1.41
N ALA B 71 -16.67 -7.96 -2.16
CA ALA B 71 -17.26 -9.16 -1.59
C ALA B 71 -16.22 -10.02 -0.86
N ALA B 72 -15.06 -10.24 -1.48
CA ALA B 72 -13.96 -10.98 -0.80
C ALA B 72 -13.56 -10.35 0.54
N ARG B 73 -13.46 -9.02 0.57
CA ARG B 73 -13.06 -8.34 1.79
C ARG B 73 -14.17 -8.42 2.87
N GLN B 74 -15.43 -8.29 2.45
CA GLN B 74 -16.58 -8.50 3.37
C GLN B 74 -16.57 -9.89 4.03
N ARG B 75 -16.36 -10.93 3.23
CA ARG B 75 -16.29 -12.30 3.73
C ARG B 75 -15.06 -12.55 4.60
N LEU B 76 -13.93 -11.90 4.27
CA LEU B 76 -12.71 -12.03 5.08
C LEU B 76 -12.97 -11.42 6.43
N PHE B 77 -13.66 -10.28 6.42
CA PHE B 77 -14.05 -9.65 7.69
C PHE B 77 -14.80 -10.62 8.59
N ALA B 78 -15.81 -11.30 8.04
CA ALA B 78 -16.65 -12.23 8.81
C ALA B 78 -15.89 -13.47 9.27
N ALA B 79 -15.02 -14.03 8.41
CA ALA B 79 -14.23 -15.19 8.79
C ALA B 79 -13.32 -14.82 9.95
N THR B 80 -12.77 -13.62 9.88
CA THR B 80 -11.83 -13.13 10.90
C THR B 80 -12.53 -12.86 12.22
N ALA B 81 -13.69 -12.23 12.16
CA ALA B 81 -14.47 -11.92 13.35
C ALA B 81 -14.86 -13.21 14.07
N GLU B 82 -15.24 -14.22 13.30
CA GLU B 82 -15.63 -15.51 13.85
C GLU B 82 -14.45 -16.27 14.47
N PHE B 83 -13.29 -16.24 13.79
CA PHE B 83 -12.09 -16.85 14.35
C PHE B 83 -11.72 -16.26 15.72
N LEU B 84 -11.81 -14.94 15.83
CA LEU B 84 -11.51 -14.24 17.07
C LEU B 84 -12.62 -14.43 18.11
N GLY B 85 -13.73 -15.05 17.71
CA GLY B 85 -14.92 -15.20 18.56
C GLY B 85 -15.62 -13.88 18.81
N GLU B 86 -15.75 -13.06 17.77
CA GLU B 86 -16.32 -11.69 17.85
C GLU B 86 -16.16 -10.94 19.17
N PRO B 87 -14.91 -10.58 19.52
CA PRO B 87 -14.65 -9.88 20.77
C PRO B 87 -15.17 -8.45 20.71
N GLN B 88 -15.35 -7.85 21.88
CA GLN B 88 -15.85 -6.49 22.03
C GLN B 88 -15.10 -5.48 21.18
N GLN B 89 -13.77 -5.54 21.21
CA GLN B 89 -12.94 -4.54 20.52
C GLN B 89 -12.93 -4.64 18.98
N ASN B 90 -13.49 -5.71 18.44
CA ASN B 90 -13.65 -5.82 16.99
C ASN B 90 -14.95 -5.14 16.54
N PRO B 91 -14.91 -4.35 15.43
CA PRO B 91 -16.14 -3.77 14.84
C PRO B 91 -17.18 -4.82 14.43
N ASP B 92 -18.46 -4.43 14.46
CA ASP B 92 -19.59 -5.29 14.09
C ASP B 92 -19.71 -5.48 12.57
N ARG B 93 -19.09 -4.60 11.79
CA ARG B 93 -19.21 -4.65 10.32
C ARG B 93 -17.87 -4.27 9.66
N PRO B 94 -17.65 -4.69 8.39
CA PRO B 94 -16.41 -4.26 7.75
C PRO B 94 -16.37 -2.76 7.66
N VAL B 95 -15.18 -2.18 7.76
CA VAL B 95 -15.02 -0.75 7.54
C VAL B 95 -15.22 -0.45 6.03
N PRO B 96 -15.47 0.81 5.65
CA PRO B 96 -15.63 1.08 4.22
C PRO B 96 -14.44 0.61 3.34
N PHE B 97 -14.73 0.09 2.16
CA PHE B 97 -13.76 -0.24 1.11
C PHE B 97 -13.50 1.03 0.30
N ILE B 98 -12.25 1.51 0.30
CA ILE B 98 -11.91 2.78 -0.33
C ILE B 98 -11.20 2.57 -1.68
N ILE B 99 -11.73 3.26 -2.70
CA ILE B 99 -11.18 3.17 -4.04
C ILE B 99 -10.63 4.54 -4.40
N GLY B 100 -9.35 4.57 -4.77
CA GLY B 100 -8.71 5.76 -5.30
C GLY B 100 -8.85 5.88 -6.79
N VAL B 101 -9.07 7.12 -7.24
CA VAL B 101 -9.07 7.45 -8.68
C VAL B 101 -8.13 8.65 -8.99
N ALA B 102 -7.06 8.37 -9.72
CA ALA B 102 -6.00 9.35 -9.98
C ALA B 102 -5.78 9.55 -11.50
N GLY B 103 -5.05 10.58 -11.86
CA GLY B 103 -4.79 10.93 -13.25
C GLY B 103 -4.67 12.43 -13.42
N SER B 104 -4.29 12.84 -14.62
CA SER B 104 -4.13 14.26 -15.00
C SER B 104 -5.41 15.07 -14.85
N VAL B 105 -5.28 16.36 -14.58
CA VAL B 105 -6.37 17.31 -14.81
C VAL B 105 -6.94 17.05 -16.22
N ALA B 106 -8.27 17.06 -16.34
CA ALA B 106 -8.97 16.90 -17.63
C ALA B 106 -8.85 15.52 -18.32
N VAL B 107 -8.33 14.51 -17.61
CA VAL B 107 -8.34 13.14 -18.14
C VAL B 107 -9.71 12.43 -18.01
N GLY B 108 -10.57 12.95 -17.14
CA GLY B 108 -11.92 12.40 -16.94
C GLY B 108 -12.11 11.61 -15.67
N LYS B 109 -11.31 11.91 -14.65
CA LYS B 109 -11.37 11.21 -13.39
C LYS B 109 -12.77 11.28 -12.77
N SER B 110 -13.35 12.47 -12.83
CA SER B 110 -14.60 12.75 -12.12
C SER B 110 -15.77 11.95 -12.73
N THR B 111 -15.82 11.92 -14.07
CA THR B 111 -16.77 11.11 -14.79
C THR B 111 -16.59 9.60 -14.56
N THR B 112 -15.34 9.10 -14.59
CA THR B 112 -15.04 7.71 -14.30
C THR B 112 -15.54 7.34 -12.90
N ALA B 113 -15.23 8.20 -11.94
CA ALA B 113 -15.66 8.02 -10.55
C ALA B 113 -17.19 8.00 -10.41
N ARG B 114 -17.88 8.88 -11.13
CA ARG B 114 -19.35 8.96 -11.01
C ARG B 114 -20.02 7.74 -11.61
N VAL B 115 -19.44 7.23 -12.70
CA VAL B 115 -19.93 6.03 -13.34
C VAL B 115 -19.72 4.82 -12.42
N LEU B 116 -18.51 4.67 -11.88
CA LEU B 116 -18.25 3.58 -10.96
C LEU B 116 -19.16 3.67 -9.71
N GLN B 117 -19.39 4.87 -9.20
CA GLN B 117 -20.33 5.03 -8.08
C GLN B 117 -21.70 4.48 -8.42
N ALA B 118 -22.18 4.79 -9.63
CA ALA B 118 -23.54 4.40 -10.03
C ALA B 118 -23.65 2.91 -10.25
N LEU B 119 -22.62 2.33 -10.89
CA LEU B 119 -22.58 0.88 -11.13
C LEU B 119 -22.34 0.03 -9.88
N LEU B 120 -21.40 0.44 -9.02
CA LEU B 120 -21.06 -0.40 -7.87
C LEU B 120 -22.20 -0.43 -6.89
N ALA B 121 -22.99 0.64 -6.85
CA ALA B 121 -24.16 0.70 -5.98
C ALA B 121 -25.28 -0.29 -6.37
N ARG B 122 -25.15 -0.96 -7.51
CA ARG B 122 -26.21 -1.88 -7.95
C ARG B 122 -26.25 -3.23 -7.25
N TRP B 123 -25.21 -3.56 -6.48
CA TRP B 123 -25.19 -4.80 -5.68
C TRP B 123 -25.76 -4.58 -4.29
N ASP B 124 -26.60 -5.51 -3.85
CA ASP B 124 -27.12 -5.56 -2.46
C ASP B 124 -26.03 -5.65 -1.39
N HIS B 125 -24.90 -6.26 -1.75
CA HIS B 125 -23.75 -6.36 -0.85
C HIS B 125 -23.19 -5.00 -0.46
N HIS B 126 -23.31 -4.03 -1.36
CA HIS B 126 -22.72 -2.71 -1.08
C HIS B 126 -23.48 -1.59 -1.79
N PRO B 127 -24.74 -1.34 -1.37
CA PRO B 127 -25.64 -0.34 -2.00
C PRO B 127 -25.25 1.12 -1.70
N ARG B 128 -24.49 1.35 -0.63
CA ARG B 128 -24.13 2.72 -0.23
C ARG B 128 -22.68 3.09 -0.64
N VAL B 129 -22.58 3.86 -1.73
CA VAL B 129 -21.29 4.21 -2.34
C VAL B 129 -21.15 5.72 -2.34
N ASP B 130 -20.17 6.21 -1.58
CA ASP B 130 -19.91 7.64 -1.52
C ASP B 130 -18.77 8.06 -2.44
N LEU B 131 -18.76 9.34 -2.81
CA LEU B 131 -17.78 9.91 -3.72
C LEU B 131 -17.24 11.20 -3.13
N VAL B 132 -15.92 11.25 -2.90
CA VAL B 132 -15.28 12.47 -2.38
C VAL B 132 -14.13 12.84 -3.29
N THR B 133 -14.07 14.11 -3.66
CA THR B 133 -12.94 14.65 -4.40
C THR B 133 -11.91 15.26 -3.44
N THR B 134 -10.62 15.11 -3.73
CA THR B 134 -9.57 15.79 -2.95
C THR B 134 -9.51 17.32 -3.13
N ASP B 135 -10.27 17.87 -4.08
CA ASP B 135 -10.38 19.33 -4.28
C ASP B 135 -10.77 20.03 -2.99
N GLY B 136 -11.64 19.38 -2.22
CA GLY B 136 -12.04 19.89 -0.92
C GLY B 136 -10.90 20.07 0.05
N PHE B 137 -9.77 19.40 -0.19
CA PHE B 137 -8.64 19.52 0.73
C PHE B 137 -7.55 20.49 0.26
N LEU B 138 -7.81 21.18 -0.85
CA LEU B 138 -6.99 22.33 -1.25
C LEU B 138 -6.97 23.37 -0.14
N TYR B 139 -5.82 23.98 0.08
CA TYR B 139 -5.76 25.17 0.91
C TYR B 139 -6.62 26.23 0.23
N PRO B 140 -7.36 27.05 1.02
CA PRO B 140 -8.11 28.17 0.43
C PRO B 140 -7.15 29.15 -0.24
N ASN B 141 -7.62 29.83 -1.29
CA ASN B 141 -6.82 30.83 -2.01
C ASN B 141 -5.95 31.76 -1.16
N ALA B 142 -6.50 32.27 -0.05
CA ALA B 142 -5.74 33.13 0.87
C ALA B 142 -4.48 32.45 1.40
N GLU B 143 -4.61 31.18 1.77
CA GLU B 143 -3.50 30.42 2.30
C GLU B 143 -2.48 30.13 1.18
N LEU B 144 -2.98 29.79 -0.01
CA LEU B 144 -2.13 29.56 -1.19
C LEU B 144 -1.27 30.79 -1.53
N GLN B 145 -1.88 31.98 -1.53
CA GLN B 145 -1.14 33.25 -1.73
C GLN B 145 -0.04 33.45 -0.69
N ARG B 146 -0.40 33.33 0.58
CA ARG B 146 0.55 33.34 1.69
C ARG B 146 1.77 32.45 1.41
N ARG B 147 1.55 31.32 0.74
CA ARG B 147 2.60 30.31 0.61
C ARG B 147 3.34 30.32 -0.72
N ASN B 148 3.13 31.35 -1.55
CA ASN B 148 3.70 31.42 -2.91
C ASN B 148 3.22 30.23 -3.74
N LEU B 149 1.95 29.86 -3.59
CA LEU B 149 1.48 28.63 -4.26
C LEU B 149 0.33 28.82 -5.24
N MET B 150 -0.07 30.07 -5.51
CA MET B 150 -1.19 30.35 -6.44
C MET B 150 -1.00 29.76 -7.85
N HIS B 151 0.25 29.62 -8.28
CA HIS B 151 0.53 29.07 -9.61
C HIS B 151 0.70 27.55 -9.56
N ARG B 152 0.45 26.98 -8.39
CA ARG B 152 0.72 25.57 -8.14
C ARG B 152 -0.47 24.82 -7.57
N LYS B 153 -1.68 25.32 -7.84
CA LYS B 153 -2.89 24.65 -7.37
C LYS B 153 -2.95 23.29 -8.06
N GLY B 154 -3.07 22.24 -7.24
CA GLY B 154 -3.09 20.85 -7.71
C GLY B 154 -1.78 20.12 -7.48
N PHE B 155 -0.73 20.89 -7.19
CA PHE B 155 0.56 20.32 -6.84
C PHE B 155 0.47 19.77 -5.42
N PRO B 156 1.37 18.85 -5.06
CA PRO B 156 1.24 18.13 -3.77
C PRO B 156 1.04 19.03 -2.54
N GLU B 157 1.83 20.10 -2.44
CA GLU B 157 1.80 21.03 -1.29
C GLU B 157 0.62 22.00 -1.31
N SER B 158 -0.18 22.00 -2.37
CA SER B 158 -1.35 22.88 -2.42
C SER B 158 -2.53 22.33 -1.61
N TYR B 159 -2.38 21.11 -1.14
CA TYR B 159 -3.41 20.44 -0.35
C TYR B 159 -2.94 20.39 1.09
N ASN B 160 -3.91 20.49 2.00
CA ASN B 160 -3.69 20.23 3.41
C ASN B 160 -3.65 18.70 3.58
N ARG B 161 -2.46 18.12 3.42
CA ARG B 161 -2.29 16.65 3.42
C ARG B 161 -2.64 16.03 4.77
N ARG B 162 -2.30 16.73 5.84
CA ARG B 162 -2.65 16.31 7.20
C ARG B 162 -4.16 16.16 7.35
N ALA B 163 -4.93 17.15 6.91
CA ALA B 163 -6.39 17.08 7.00
C ALA B 163 -6.98 15.96 6.11
N LEU B 164 -6.41 15.81 4.92
CA LEU B 164 -6.81 14.74 4.01
C LEU B 164 -6.57 13.38 4.69
N MET B 165 -5.36 13.19 5.22
CA MET B 165 -4.99 11.92 5.85
C MET B 165 -5.94 11.63 7.03
N ARG B 166 -6.24 12.66 7.82
CA ARG B 166 -7.16 12.54 8.96
C ARG B 166 -8.57 12.10 8.54
N PHE B 167 -9.02 12.61 7.40
CA PHE B 167 -10.34 12.28 6.89
C PHE B 167 -10.39 10.80 6.50
N VAL B 168 -9.41 10.36 5.70
CA VAL B 168 -9.38 8.99 5.23
C VAL B 168 -9.19 8.00 6.39
N THR B 169 -8.35 8.36 7.37
CA THR B 169 -8.17 7.54 8.57
C THR B 169 -9.50 7.42 9.34
N SER B 170 -10.21 8.52 9.48
CA SER B 170 -11.50 8.52 10.15
C SER B 170 -12.49 7.55 9.45
N VAL B 171 -12.57 7.61 8.12
CA VAL B 171 -13.40 6.68 7.34
C VAL B 171 -13.00 5.21 7.52
N LYS B 172 -11.71 4.90 7.38
CA LYS B 172 -11.16 3.54 7.61
C LYS B 172 -11.19 3.08 9.07
N SER B 173 -11.30 4.02 10.00
CA SER B 173 -11.49 3.64 11.41
C SER B 173 -12.88 3.09 11.72
N GLY B 174 -13.81 3.25 10.76
CA GLY B 174 -15.19 2.82 10.96
C GLY B 174 -16.01 3.87 11.71
N SER B 175 -15.58 5.14 11.69
CA SER B 175 -16.40 6.21 12.26
C SER B 175 -17.75 6.23 11.60
N ASP B 176 -18.79 6.55 12.37
CA ASP B 176 -20.13 6.72 11.80
C ASP B 176 -20.25 8.07 11.09
N TYR B 177 -19.26 8.93 11.28
CA TYR B 177 -19.33 10.32 10.84
C TYR B 177 -17.93 10.82 10.45
N ALA B 178 -17.76 11.27 9.22
CA ALA B 178 -16.52 11.93 8.80
C ALA B 178 -16.81 13.08 7.83
N CYS B 179 -16.12 14.20 8.03
CA CYS B 179 -16.38 15.43 7.30
C CYS B 179 -15.23 15.86 6.41
N ALA B 180 -15.58 16.25 5.19
CA ALA B 180 -14.63 16.85 4.26
C ALA B 180 -15.12 18.24 3.88
N PRO B 181 -14.20 19.20 3.73
CA PRO B 181 -14.56 20.53 3.22
C PRO B 181 -14.94 20.46 1.76
N VAL B 182 -15.52 21.54 1.26
CA VAL B 182 -16.06 21.57 -0.10
C VAL B 182 -15.37 22.65 -0.91
N TYR B 183 -15.03 22.28 -2.15
CA TYR B 183 -14.39 23.18 -3.10
C TYR B 183 -15.39 23.55 -4.17
N SER B 184 -15.48 24.85 -4.46
CA SER B 184 -16.31 25.32 -5.55
C SER B 184 -15.42 25.64 -6.75
N HIS B 185 -15.71 25.01 -7.89
CA HIS B 185 -15.00 25.37 -9.12
C HIS B 185 -15.41 26.72 -9.67
N LEU B 186 -16.73 26.99 -9.63
CA LEU B 186 -17.27 28.30 -10.02
C LEU B 186 -16.57 29.46 -9.31
N HIS B 187 -16.43 29.38 -7.99
CA HIS B 187 -15.78 30.44 -7.22
C HIS B 187 -14.27 30.26 -7.09
N TYR B 188 -13.77 29.10 -7.52
CA TYR B 188 -12.34 28.84 -7.58
C TYR B 188 -11.74 28.82 -6.17
N ASP B 189 -12.45 28.21 -5.22
CA ASP B 189 -12.05 28.28 -3.82
C ASP B 189 -12.86 27.32 -2.93
N ILE B 190 -12.37 27.10 -1.71
CA ILE B 190 -13.14 26.37 -0.71
C ILE B 190 -14.32 27.26 -0.33
N ILE B 191 -15.48 26.65 -0.14
CA ILE B 191 -16.68 27.35 0.34
C ILE B 191 -16.61 27.39 1.88
N PRO B 192 -16.61 28.60 2.47
CA PRO B 192 -16.48 28.65 3.94
C PRO B 192 -17.70 28.06 4.66
N GLY B 193 -17.44 27.27 5.70
CA GLY B 193 -18.50 26.61 6.47
C GLY B 193 -19.20 25.43 5.79
N ALA B 194 -18.86 25.14 4.54
CA ALA B 194 -19.46 24.03 3.82
C ALA B 194 -18.77 22.72 4.20
N GLU B 195 -19.54 21.64 4.30
CA GLU B 195 -18.96 20.32 4.55
C GLU B 195 -19.74 19.20 3.87
N GLN B 196 -19.03 18.14 3.48
CA GLN B 196 -19.67 16.91 2.99
C GLN B 196 -19.57 15.88 4.14
N VAL B 197 -20.70 15.32 4.54
CA VAL B 197 -20.72 14.28 5.57
C VAL B 197 -20.71 12.90 4.92
N VAL B 198 -19.91 12.01 5.49
CA VAL B 198 -19.76 10.66 4.96
C VAL B 198 -20.02 9.74 6.14
N ARG B 199 -20.96 8.82 5.97
CA ARG B 199 -21.48 8.05 7.11
C ARG B 199 -21.33 6.56 6.90
N HIS B 200 -20.12 6.08 7.16
CA HIS B 200 -19.78 4.68 7.01
C HIS B 200 -20.38 4.03 5.76
N PRO B 201 -20.06 4.56 4.56
CA PRO B 201 -20.59 3.90 3.36
C PRO B 201 -19.96 2.53 3.19
N ASP B 202 -20.54 1.69 2.34
CA ASP B 202 -19.93 0.40 2.06
C ASP B 202 -18.63 0.58 1.25
N ILE B 203 -18.65 1.57 0.36
CA ILE B 203 -17.52 1.86 -0.51
C ILE B 203 -17.41 3.37 -0.55
N LEU B 204 -16.20 3.88 -0.38
CA LEU B 204 -15.90 5.27 -0.66
C LEU B 204 -14.96 5.37 -1.85
N ILE B 205 -15.33 6.21 -2.81
CA ILE B 205 -14.45 6.52 -3.92
C ILE B 205 -13.80 7.87 -3.63
N LEU B 206 -12.47 7.89 -3.64
CA LEU B 206 -11.72 9.13 -3.42
C LEU B 206 -11.02 9.50 -4.72
N GLU B 207 -11.50 10.58 -5.34
CA GLU B 207 -11.05 11.00 -6.62
C GLU B 207 -10.10 12.19 -6.48
N GLY B 208 -8.96 12.14 -7.15
CA GLY B 208 -8.03 13.27 -7.15
C GLY B 208 -6.71 13.01 -7.85
N LEU B 209 -6.12 14.08 -8.36
CA LEU B 209 -4.78 14.08 -8.95
C LEU B 209 -3.74 13.40 -8.08
N ASN B 210 -3.89 13.60 -6.76
CA ASN B 210 -2.84 13.37 -5.77
C ASN B 210 -3.04 12.12 -4.93
N VAL B 211 -4.10 11.35 -5.19
CA VAL B 211 -4.42 10.20 -4.32
C VAL B 211 -3.41 9.04 -4.31
N LEU B 212 -2.59 8.90 -5.36
CA LEU B 212 -1.54 7.87 -5.37
C LEU B 212 -0.15 8.41 -5.05
N GLN B 213 -0.08 9.68 -4.65
CA GLN B 213 1.20 10.26 -4.25
C GLN B 213 1.72 9.69 -2.92
N THR B 214 3.03 9.58 -2.91
CA THR B 214 3.82 9.02 -1.85
C THR B 214 4.21 10.07 -0.81
N GLY B 215 4.58 9.61 0.38
CA GLY B 215 5.09 10.51 1.43
C GLY B 215 6.06 9.77 2.34
N PRO B 216 6.70 10.50 3.28
CA PRO B 216 7.71 9.91 4.17
C PRO B 216 7.13 8.82 5.11
N THR B 217 5.84 8.92 5.40
CA THR B 217 5.23 8.05 6.41
C THR B 217 3.92 7.41 5.90
N LEU B 218 2.89 7.34 6.74
CA LEU B 218 1.56 6.90 6.32
C LEU B 218 1.02 7.87 5.27
N MET B 219 0.48 7.32 4.19
CA MET B 219 -0.05 8.11 3.07
C MET B 219 -1.48 7.66 2.80
N VAL B 220 -2.27 8.43 2.07
CA VAL B 220 -3.70 8.08 1.92
C VAL B 220 -3.88 6.75 1.18
N SER B 221 -3.03 6.49 0.19
CA SER B 221 -3.14 5.23 -0.58
C SER B 221 -2.84 3.94 0.24
N ASP B 222 -2.11 4.08 1.35
CA ASP B 222 -2.00 3.00 2.34
C ASP B 222 -3.37 2.54 2.83
N LEU B 223 -4.35 3.44 2.80
CA LEU B 223 -5.69 3.13 3.26
C LEU B 223 -6.67 2.67 2.16
N PHE B 224 -6.16 2.45 0.94
CA PHE B 224 -6.97 2.06 -0.21
C PHE B 224 -7.02 0.54 -0.33
N ASP B 225 -8.16 0.05 -0.78
CA ASP B 225 -8.34 -1.35 -1.07
C ASP B 225 -8.18 -1.61 -2.56
N PHE B 226 -8.27 -0.56 -3.36
CA PHE B 226 -8.22 -0.67 -4.82
C PHE B 226 -7.99 0.73 -5.36
N SER B 227 -7.26 0.82 -6.47
CA SER B 227 -7.03 2.11 -7.10
C SER B 227 -6.98 2.05 -8.61
N LEU B 228 -7.48 3.14 -9.20
CA LEU B 228 -7.56 3.30 -10.61
C LEU B 228 -6.75 4.52 -11.01
N TYR B 229 -5.96 4.39 -12.08
CA TYR B 229 -5.31 5.54 -12.73
C TYR B 229 -5.87 5.65 -14.16
N VAL B 230 -6.40 6.84 -14.51
CA VAL B 230 -6.93 7.10 -15.84
C VAL B 230 -5.80 7.71 -16.66
N ASP B 231 -5.41 7.00 -17.72
CA ASP B 231 -4.22 7.36 -18.48
C ASP B 231 -4.60 7.82 -19.89
N ALA B 232 -3.76 8.67 -20.48
CA ALA B 232 -3.87 9.01 -21.90
C ALA B 232 -2.57 9.66 -22.39
N ARG B 233 -2.38 9.75 -23.70
CA ARG B 233 -1.23 10.49 -24.25
C ARG B 233 -1.26 11.95 -23.81
N ILE B 234 -0.10 12.48 -23.46
CA ILE B 234 -0.03 13.86 -22.95
C ILE B 234 -0.61 14.89 -23.97
N GLU B 235 -0.37 14.69 -25.26
CA GLU B 235 -0.96 15.57 -26.30
C GLU B 235 -2.48 15.41 -26.42
N ASP B 236 -3.01 14.23 -26.14
CA ASP B 236 -4.47 14.05 -26.22
C ASP B 236 -5.15 14.78 -25.08
N ILE B 237 -4.57 14.67 -23.88
CA ILE B 237 -5.12 15.35 -22.71
C ILE B 237 -5.03 16.87 -22.96
N GLU B 238 -3.93 17.35 -23.54
CA GLU B 238 -3.82 18.78 -23.81
C GLU B 238 -5.02 19.26 -24.66
N GLN B 239 -5.32 18.55 -25.73
CA GLN B 239 -6.53 18.88 -26.52
C GLN B 239 -7.85 18.89 -25.71
N TRP B 240 -8.04 17.91 -24.84
CA TRP B 240 -9.24 17.90 -23.97
C TRP B 240 -9.25 19.08 -23.02
N TYR B 241 -8.08 19.44 -22.50
CA TYR B 241 -7.97 20.60 -21.62
C TYR B 241 -8.43 21.88 -22.33
N VAL B 242 -7.89 22.10 -23.53
CA VAL B 242 -8.23 23.24 -24.41
C VAL B 242 -9.75 23.32 -24.69
N SER B 243 -10.37 22.21 -25.06
CA SER B 243 -11.81 22.18 -25.31
C SER B 243 -12.55 22.58 -24.04
N ARG B 244 -12.17 21.96 -22.94
CA ARG B 244 -12.73 22.34 -21.64
C ARG B 244 -12.64 23.84 -21.33
N PHE B 245 -11.46 24.43 -21.44
CA PHE B 245 -11.25 25.86 -21.20
C PHE B 245 -12.19 26.71 -22.07
N LEU B 246 -12.21 26.42 -23.37
CA LEU B 246 -13.07 27.16 -24.31
C LEU B 246 -14.54 27.09 -23.86
N ALA B 247 -14.99 25.91 -23.39
CA ALA B 247 -16.39 25.74 -22.97
C ALA B 247 -16.73 26.57 -21.73
N MET B 248 -15.73 26.76 -20.86
CA MET B 248 -15.91 27.51 -19.60
C MET B 248 -16.24 29.00 -19.77
N ARG B 249 -15.99 29.54 -20.96
CA ARG B 249 -16.33 30.93 -21.27
C ARG B 249 -17.83 31.18 -21.14
N THR B 250 -18.64 30.25 -21.65
CA THR B 250 -20.11 30.31 -21.53
C THR B 250 -20.61 30.04 -20.10
N THR B 251 -19.85 29.25 -19.35
CA THR B 251 -20.32 28.76 -18.05
C THR B 251 -19.67 29.46 -16.85
N ALA B 252 -18.66 28.85 -16.25
CA ALA B 252 -18.03 29.40 -15.04
C ALA B 252 -17.42 30.80 -15.23
N PHE B 253 -16.90 31.07 -16.44
CA PHE B 253 -16.26 32.37 -16.69
C PHE B 253 -17.29 33.50 -16.95
N ALA B 254 -18.54 33.13 -17.22
CA ALA B 254 -19.62 34.08 -17.59
C ALA B 254 -20.01 35.06 -16.49
N ASP B 255 -19.99 34.58 -15.24
CA ASP B 255 -20.31 35.38 -14.06
C ASP B 255 -19.29 36.50 -13.85
N PRO B 256 -19.75 37.77 -13.83
CA PRO B 256 -18.85 38.93 -13.64
C PRO B 256 -18.10 38.85 -12.32
N GLU B 257 -18.55 37.97 -11.43
CA GLU B 257 -17.95 37.81 -10.11
C GLU B 257 -16.74 36.88 -10.13
N SER B 258 -16.73 35.95 -11.09
CA SER B 258 -15.63 34.99 -11.27
C SER B 258 -14.25 35.64 -11.27
N HIS B 259 -13.29 34.98 -10.64
CA HIS B 259 -11.91 35.42 -10.67
C HIS B 259 -11.36 35.36 -12.09
N PHE B 260 -12.01 34.57 -12.94
CA PHE B 260 -11.57 34.36 -14.33
C PHE B 260 -12.51 34.95 -15.37
N HIS B 261 -13.34 35.90 -14.95
CA HIS B 261 -14.33 36.49 -15.83
C HIS B 261 -13.70 37.10 -17.08
N HIS B 262 -12.50 37.67 -16.94
CA HIS B 262 -11.80 38.28 -18.09
C HIS B 262 -11.60 37.30 -19.25
N TYR B 263 -11.58 36.00 -18.98
CA TYR B 263 -11.38 35.01 -20.06
C TYR B 263 -12.64 34.79 -20.90
N ALA B 264 -13.79 35.18 -20.36
CA ALA B 264 -15.07 35.02 -21.08
C ALA B 264 -15.05 35.67 -22.47
N ALA B 265 -14.38 36.83 -22.58
CA ALA B 265 -14.34 37.65 -23.80
C ALA B 265 -13.33 37.20 -24.87
N PHE B 266 -12.42 36.30 -24.49
CA PHE B 266 -11.39 35.84 -25.44
C PHE B 266 -12.08 35.16 -26.62
N SER B 267 -11.68 35.53 -27.83
CA SER B 267 -12.14 34.82 -29.03
C SER B 267 -11.65 33.39 -28.92
N ASP B 268 -12.17 32.49 -29.78
CA ASP B 268 -11.75 31.09 -29.78
C ASP B 268 -10.23 30.98 -30.00
N SER B 269 -9.75 31.73 -30.99
CA SER B 269 -8.34 31.81 -31.34
C SER B 269 -7.47 32.16 -30.11
N GLN B 270 -7.86 33.20 -29.38
CA GLN B 270 -7.10 33.71 -28.24
C GLN B 270 -7.27 32.81 -27.03
N ALA B 271 -8.44 32.16 -26.91
CA ALA B 271 -8.70 31.27 -25.79
C ALA B 271 -7.81 30.04 -25.89
N VAL B 272 -7.55 29.57 -27.12
CA VAL B 272 -6.70 28.42 -27.36
C VAL B 272 -5.29 28.78 -26.89
N VAL B 273 -4.85 30.00 -27.19
CA VAL B 273 -3.51 30.47 -26.81
C VAL B 273 -3.38 30.48 -25.30
N ALA B 274 -4.38 31.02 -24.60
CA ALA B 274 -4.37 31.08 -23.15
C ALA B 274 -4.42 29.68 -22.54
N ALA B 275 -5.30 28.83 -23.07
CA ALA B 275 -5.48 27.49 -22.51
C ALA B 275 -4.19 26.66 -22.56
N ARG B 276 -3.53 26.71 -23.71
CA ARG B 276 -2.28 25.97 -23.93
C ARG B 276 -1.14 26.51 -23.08
N GLU B 277 -1.18 27.81 -22.81
CA GLU B 277 -0.17 28.45 -21.99
C GLU B 277 -0.32 28.00 -20.54
N ILE B 278 -1.56 28.02 -20.05
CA ILE B 278 -1.88 27.48 -18.74
C ILE B 278 -1.57 26.00 -18.62
N TRP B 279 -1.87 25.22 -19.66
CA TRP B 279 -1.50 23.81 -19.70
C TRP B 279 0.03 23.60 -19.56
N ARG B 280 0.79 24.35 -20.37
CA ARG B 280 2.24 24.26 -20.52
C ARG B 280 2.97 24.67 -19.22
N THR B 281 2.36 25.57 -18.45
CA THR B 281 3.04 26.21 -17.34
C THR B 281 2.65 25.67 -15.97
N ILE B 282 1.47 25.03 -15.89
CA ILE B 282 0.94 24.52 -14.62
C ILE B 282 0.59 23.02 -14.71
N ASN B 283 -0.42 22.69 -15.51
CA ASN B 283 -0.98 21.33 -15.51
C ASN B 283 -0.06 20.24 -16.06
N ARG B 284 0.56 20.50 -17.20
CA ARG B 284 1.49 19.53 -17.80
C ARG B 284 2.70 19.28 -16.88
N PRO B 285 3.37 20.34 -16.37
CA PRO B 285 4.47 20.06 -15.44
C PRO B 285 4.01 19.24 -14.25
N ASN B 286 2.80 19.53 -13.76
CA ASN B 286 2.26 18.78 -12.63
C ASN B 286 2.12 17.30 -12.99
N LEU B 287 1.53 17.05 -14.16
CA LEU B 287 1.42 15.69 -14.69
C LEU B 287 2.78 14.97 -14.77
N VAL B 288 3.77 15.60 -15.45
CA VAL B 288 5.12 14.99 -15.59
C VAL B 288 5.82 14.73 -14.24
N GLU B 289 5.80 15.71 -13.34
CA GLU B 289 6.61 15.62 -12.12
C GLU B 289 5.95 14.76 -11.04
N ASN B 290 4.64 14.87 -10.89
CA ASN B 290 3.95 14.44 -9.67
C ASN B 290 2.88 13.38 -9.85
N ILE B 291 2.22 13.37 -11.01
CA ILE B 291 1.04 12.50 -11.21
C ILE B 291 1.44 11.23 -11.96
N LEU B 292 2.10 11.41 -13.10
CA LEU B 292 2.59 10.28 -13.90
C LEU B 292 3.44 9.25 -13.14
N PRO B 293 4.40 9.67 -12.28
CA PRO B 293 5.13 8.59 -11.59
C PRO B 293 4.28 7.72 -10.65
N THR B 294 3.06 8.13 -10.31
CA THR B 294 2.23 7.32 -9.42
C THR B 294 1.46 6.24 -10.19
N ARG B 295 1.49 6.34 -11.52
CA ARG B 295 0.75 5.43 -12.37
C ARG B 295 1.01 3.93 -12.09
N PRO B 296 2.29 3.52 -11.95
CA PRO B 296 2.53 2.09 -11.62
C PRO B 296 2.03 1.65 -10.23
N ARG B 297 1.57 2.59 -9.39
CA ARG B 297 1.05 2.24 -8.05
C ARG B 297 -0.42 1.79 -8.09
N ALA B 298 -1.08 2.00 -9.22
CA ALA B 298 -2.50 1.72 -9.35
C ALA B 298 -2.77 0.22 -9.48
N THR B 299 -3.86 -0.27 -8.89
CA THR B 299 -4.27 -1.66 -9.10
C THR B 299 -4.70 -1.83 -10.54
N LEU B 300 -5.35 -0.81 -11.08
CA LEU B 300 -5.86 -0.84 -12.43
C LEU B 300 -5.51 0.44 -13.23
N VAL B 301 -4.79 0.29 -14.36
CA VAL B 301 -4.59 1.45 -15.23
C VAL B 301 -5.42 1.36 -16.51
N LEU B 302 -6.26 2.37 -16.76
CA LEU B 302 -7.08 2.47 -17.97
C LEU B 302 -6.50 3.53 -18.92
N ARG B 303 -6.15 3.13 -20.15
CA ARG B 303 -5.63 4.06 -21.12
C ARG B 303 -6.69 4.39 -22.14
N LYS B 304 -6.81 5.66 -22.46
CA LYS B 304 -7.82 6.17 -23.36
C LYS B 304 -7.20 6.75 -24.60
N ASP B 305 -7.84 6.52 -25.73
CA ASP B 305 -7.43 7.20 -26.96
C ASP B 305 -8.02 8.62 -27.05
N ALA B 306 -7.65 9.31 -28.14
CA ALA B 306 -8.02 10.71 -28.41
C ALA B 306 -9.51 11.03 -28.36
N ASP B 307 -10.35 10.03 -28.62
CA ASP B 307 -11.80 10.24 -28.52
C ASP B 307 -12.40 9.61 -27.27
N HIS B 308 -11.56 9.43 -26.25
CA HIS B 308 -12.01 9.02 -24.93
C HIS B 308 -12.35 7.53 -24.78
N SER B 309 -12.13 6.73 -25.81
CA SER B 309 -12.43 5.30 -25.64
C SER B 309 -11.20 4.56 -25.10
N ILE B 310 -11.45 3.73 -24.09
CA ILE B 310 -10.40 2.89 -23.52
C ILE B 310 -9.77 1.96 -24.58
N ASN B 311 -8.46 2.08 -24.76
CA ASN B 311 -7.72 1.20 -25.64
C ASN B 311 -6.86 0.15 -24.92
N ARG B 312 -6.76 0.27 -23.59
CA ARG B 312 -5.87 -0.61 -22.82
C ARG B 312 -6.19 -0.65 -21.33
N LEU B 313 -6.15 -1.86 -20.78
CA LEU B 313 -6.37 -2.08 -19.35
C LEU B 313 -5.22 -2.91 -18.80
N ARG B 314 -4.64 -2.46 -17.70
CA ARG B 314 -3.61 -3.22 -16.98
C ARG B 314 -4.03 -3.40 -15.55
N LEU B 315 -4.18 -4.66 -15.15
CA LEU B 315 -4.69 -5.01 -13.86
C LEU B 315 -3.65 -5.82 -13.11
N ARG B 316 -3.36 -5.41 -11.86
CA ARG B 316 -2.47 -6.17 -10.98
C ARG B 316 -2.87 -7.62 -10.89
N LYS B 317 -1.89 -8.49 -11.12
CA LYS B 317 -2.07 -9.93 -10.93
C LYS B 317 -2.55 -10.26 -9.51
N LEU B 318 -3.54 -11.13 -9.39
CA LEU B 318 -4.05 -11.52 -8.07
C LEU B 318 -3.37 -12.77 -7.50
P PO4 C . 16.62 -8.76 14.53
O1 PO4 C . 16.72 -9.50 15.83
O2 PO4 C . 16.52 -9.71 13.38
O3 PO4 C . 17.84 -7.87 14.29
O4 PO4 C . 15.43 -7.82 14.53
OAC ZVZ D . 25.32 -6.52 16.76
CAY ZVZ D . 26.48 -6.42 16.39
NAW ZVZ D . 26.87 -6.92 15.22
CAA ZVZ D . 26.02 -7.65 14.27
CAT ZVZ D . 27.46 -5.70 17.26
OAX ZVZ D . 28.67 -5.51 16.51
CBA ZVZ D . 28.96 -4.43 15.72
CAK ZVZ D . 30.30 -4.02 15.66
CAN ZVZ D . 30.64 -2.95 14.83
CAO ZVZ D . 28.00 -3.76 14.96
CBC ZVZ D . 28.35 -2.68 14.12
CBE ZVZ D . 29.69 -2.26 14.06
CBB ZVZ D . 30.11 -1.18 13.26
CAM ZVZ D . 29.24 -0.44 12.44
CAJ ZVZ D . 29.70 0.63 11.65
CAZ ZVZ D . 31.03 0.99 11.67
CAD ZVZ D . 31.50 1.95 10.95
NAB ZVZ D . 31.90 2.79 10.26
CAI ZVZ D . 31.88 0.26 12.47
CAL ZVZ D . 31.44 -0.80 13.24
CAU ZVZ D . 27.32 -1.92 13.31
NBF ZVZ D . 26.18 -2.66 12.78
CAP ZVZ D . 25.26 -1.67 12.19
CAR ZVZ D . 24.04 -2.40 11.65
NBG ZVZ D . 24.54 -3.36 10.63
CAS ZVZ D . 25.45 -4.36 11.24
CAQ ZVZ D . 26.67 -3.59 11.73
CBD ZVZ D . 23.54 -4.01 9.87
NAV ZVZ D . 23.73 -5.29 9.46
CAG ZVZ D . 22.82 -5.93 8.71
CAE ZVZ D . 21.66 -5.28 8.29
CAF ZVZ D . 21.43 -3.97 8.69
CAH ZVZ D . 22.38 -3.32 9.47
P PO4 E . -10.97 15.47 -14.48
O1 PO4 E . -11.92 15.35 -15.62
O2 PO4 E . -11.79 15.36 -13.21
O3 PO4 E . -10.29 16.84 -14.47
O4 PO4 E . -9.91 14.41 -14.59
OAC ZVZ F . -10.20 24.81 -15.15
CAY ZVZ F . -9.99 26.01 -15.23
NAW ZVZ F . -10.23 26.90 -14.26
CAA ZVZ F . -10.78 26.75 -12.91
CAT ZVZ F . -9.41 26.53 -16.52
OAX ZVZ F . -8.93 27.87 -16.44
CBA ZVZ F . -7.87 28.31 -15.69
CAK ZVZ F . -7.55 29.65 -15.73
CAN ZVZ F . -6.49 30.14 -14.96
CAO ZVZ F . -7.11 27.44 -14.87
CBC ZVZ F . -6.04 27.93 -14.10
CBE ZVZ F . -5.73 29.29 -14.14
CBB ZVZ F . -4.68 29.86 -13.41
CAM ZVZ F . -3.89 29.12 -12.55
CAJ ZVZ F . -2.84 29.69 -11.81
CAZ ZVZ F . -2.58 31.04 -11.93
CAD ZVZ F . -1.65 31.60 -11.23
NAB ZVZ F . -0.84 32.07 -10.56
CAI ZVZ F . -3.39 31.78 -12.76
CAL ZVZ F . -4.42 31.20 -13.50
CAU ZVZ F . -5.20 27.00 -13.23
NBF ZVZ F . -5.80 25.76 -12.80
CAP ZVZ F . -4.72 24.86 -12.31
CAR ZVZ F . -5.35 23.56 -11.78
NBG ZVZ F . -6.33 23.95 -10.73
CAS ZVZ F . -7.39 24.73 -11.38
CAQ ZVZ F . -6.74 26.06 -11.70
CBD ZVZ F . -6.87 22.91 -9.95
NAV ZVZ F . -8.13 23.04 -9.43
CAG ZVZ F . -8.68 22.08 -8.66
CAE ZVZ F . -7.98 20.92 -8.35
CAF ZVZ F . -6.68 20.77 -8.82
CAH ZVZ F . -6.14 21.77 -9.61
#